data_9JG0
#
_entry.id   9JG0
#
_cell.length_a   1.00
_cell.length_b   1.00
_cell.length_c   1.00
_cell.angle_alpha   90.00
_cell.angle_beta   90.00
_cell.angle_gamma   90.00
#
_symmetry.space_group_name_H-M   'P 1'
#
loop_
_entity.id
_entity.type
_entity.pdbx_description
1 polymer 'Isoform 2 of Neuropeptide FF receptor 2,Soluble cytochrome b562'
2 polymer 'Anti-BRIL fab heavy chain'
3 polymer 'Anti-fab nanobody'
4 polymer 'Anti-BRIL fab light chain'
#
loop_
_entity_poly.entity_id
_entity_poly.type
_entity_poly.pdbx_seq_one_letter_code
_entity_poly.pdbx_strand_id
1 'polypeptide(L)'
;DYKDDDDASSENWHPIWNVNDTKHHLYSDINITYVNYYLHQPQVAAIFIISYFLIFFLCMMGNTVVCFIVMRNKHMHTVT
NLFILNLAISDLLVGIFCMPITLLDNIIAGWPFGNTMCKISGLVQGISVAASVFTLVAIAVDRFQCVVYPFKPKLTIKTA
FVIIMIIWVLAITIMSPSAVMLHVQEEKYYRVRLNSQNKTSPVYWCREDWPNQEMRKIYTTVLFANIYLAPLSLIVIMYG
RIGISARRQLADLEDNWETLNDNLKVIEKADNAAQVKDALTKMRAAALDAQKATPPKLEDKSPDSPEMKDFRHGFDILVG
QIDDALKLANEGKVKEAQAAAEQLKTTRNAYIQKYLERARSTLRKKQKIIKMLLIVALLFILSWLPLWTLMMLSDYADLS
PNELQIINIYIYPFAHWLAFGNSSVNPIIYGFFNENFRRGFQEAFQLQLCQKRAKPMEAYALKAKSHVLINTSNQLVQES
TFQNPHGETLLYRKSAEKPQQELVMEELKETTNSSEIHMGLEVLFQ
;
R
2 'polypeptide(L)'
;EISEVQLVESGGGLVQPGGSLRLSCAASGFNVVDFSLHWVRQAPGKGLEWVAYISSSSGSTSYADSVKGRFTISADTSKN
TAYLQMNSLRAEDTAVYYCARWGYWPGEPWWKAFDYWGQGTLVTVSSASTKGPSVFPLAPSSKSTSGGTAALGCLVKDYF
PEPVTVSWNSGALTSGVHTFPAVLQSSGLYSLSSVVTVPSSSLGTQTYICNVNHKPSNTKVDKKVEPKS
;
H
3 'polypeptide(L)'
;GSQVQLQESGGGLVQPGGSLRLSCAASGRTISRYAMSWFRQAPGKEREFVAVARRSGDGAFYADSVQGRFTVSRDDAKNT
VYLQMNSLKPEDTAVYYCAIDSDTFYSGSYDYWGQGTQVTVSSLEHHHHHH
;
K
4 'polypeptide(L)'
;SDIQMTQSPSSLSASVGDRVTITCRASQSVSSAVAWYQQKPGKAPKLLIYSASSLYSGVPSRFSGSRSGTDFTLTISSLQ
PEDFATYYCQQYLYYSLVTFGQGTKVEIKRTVAAPSVFIFPPSDSQLKSGTASVVCLLNNFYPREAKVQWKVDNALQSGN
SQESVTEQDSKDSTYSLSSTLTLSKADYEKHKVYACEVTHQGLSSPVTKSFNRGE
;
L
#
# COMPACT_ATOMS: atom_id res chain seq x y z
N ILE A 32 -38.91 -52.37 -35.88
CA ILE A 32 -39.10 -53.12 -37.11
C ILE A 32 -38.90 -52.20 -38.31
N THR A 33 -37.65 -51.80 -38.54
CA THR A 33 -37.32 -50.90 -39.64
C THR A 33 -36.04 -51.37 -40.31
N TYR A 34 -36.12 -51.63 -41.61
CA TYR A 34 -34.97 -52.04 -42.40
C TYR A 34 -34.25 -50.79 -42.91
N VAL A 35 -32.93 -50.76 -42.74
CA VAL A 35 -32.11 -49.64 -43.16
C VAL A 35 -30.94 -50.15 -43.99
N ASN A 36 -30.66 -49.46 -45.09
CA ASN A 36 -29.56 -49.83 -45.96
C ASN A 36 -28.22 -49.61 -45.26
N TYR A 37 -27.19 -50.29 -45.76
CA TYR A 37 -25.86 -50.18 -45.17
C TYR A 37 -25.33 -48.75 -45.27
N TYR A 38 -25.56 -48.10 -46.40
CA TYR A 38 -25.26 -46.67 -46.57
C TYR A 38 -26.55 -45.88 -46.39
N LEU A 39 -26.48 -44.81 -45.61
CA LEU A 39 -27.67 -44.02 -45.28
C LEU A 39 -27.71 -42.68 -46.01
N HIS A 40 -26.61 -41.94 -46.02
CA HIS A 40 -26.60 -40.62 -46.63
C HIS A 40 -26.66 -40.71 -48.15
N GLN A 41 -27.13 -39.62 -48.76
CA GLN A 41 -27.11 -39.50 -50.21
C GLN A 41 -25.66 -39.49 -50.70
N PRO A 42 -25.39 -40.08 -51.87
CA PRO A 42 -24.00 -40.14 -52.34
C PRO A 42 -23.30 -38.79 -52.44
N GLN A 43 -24.02 -37.73 -52.80
CA GLN A 43 -23.38 -36.42 -52.93
C GLN A 43 -22.99 -35.84 -51.57
N VAL A 44 -23.92 -35.87 -50.61
CA VAL A 44 -23.62 -35.34 -49.28
C VAL A 44 -22.59 -36.23 -48.58
N ALA A 45 -22.67 -37.55 -48.78
CA ALA A 45 -21.65 -38.43 -48.24
C ALA A 45 -20.29 -38.12 -48.83
N ALA A 46 -20.24 -37.86 -50.14
CA ALA A 46 -18.98 -37.53 -50.80
C ALA A 46 -18.38 -36.24 -50.26
N ILE A 47 -19.20 -35.20 -50.10
CA ILE A 47 -18.66 -33.94 -49.59
C ILE A 47 -18.22 -34.10 -48.14
N PHE A 48 -18.96 -34.89 -47.35
CA PHE A 48 -18.58 -35.14 -45.97
C PHE A 48 -17.23 -35.85 -45.89
N ILE A 49 -17.06 -36.91 -46.67
CA ILE A 49 -15.82 -37.69 -46.61
C ILE A 49 -14.66 -36.87 -47.16
N ILE A 50 -14.90 -36.05 -48.19
CA ILE A 50 -13.80 -35.26 -48.74
C ILE A 50 -13.38 -34.17 -47.76
N SER A 51 -14.34 -33.56 -47.04
CA SER A 51 -13.98 -32.58 -46.03
C SER A 51 -13.19 -33.24 -44.89
N TYR A 52 -13.63 -34.42 -44.43
CA TYR A 52 -12.91 -35.10 -43.37
C TYR A 52 -11.51 -35.50 -43.82
N PHE A 53 -11.38 -35.97 -45.07
CA PHE A 53 -10.05 -36.32 -45.59
C PHE A 53 -9.16 -35.09 -45.70
N LEU A 54 -9.73 -33.95 -46.11
CA LEU A 54 -8.95 -32.73 -46.21
C LEU A 54 -8.42 -32.30 -44.85
N ILE A 55 -9.29 -32.28 -43.84
CA ILE A 55 -8.81 -31.87 -42.51
C ILE A 55 -7.83 -32.90 -41.95
N PHE A 56 -8.05 -34.19 -42.23
CA PHE A 56 -7.12 -35.22 -41.77
C PHE A 56 -5.74 -35.03 -42.39
N PHE A 57 -5.69 -34.77 -43.70
CA PHE A 57 -4.41 -34.57 -44.37
C PHE A 57 -3.72 -33.32 -43.86
N LEU A 58 -4.49 -32.24 -43.65
CA LEU A 58 -3.90 -31.01 -43.12
C LEU A 58 -3.31 -31.25 -41.74
N CYS A 59 -4.06 -31.93 -40.86
CA CYS A 59 -3.56 -32.20 -39.53
C CYS A 59 -2.30 -33.07 -39.57
N MET A 60 -2.34 -34.13 -40.38
CA MET A 60 -1.19 -35.02 -40.49
C MET A 60 0.05 -34.26 -40.95
N MET A 61 -0.06 -33.52 -42.06
CA MET A 61 1.09 -32.82 -42.61
C MET A 61 1.61 -31.77 -41.62
N GLY A 62 0.70 -30.99 -41.03
CA GLY A 62 1.13 -29.93 -40.13
C GLY A 62 1.82 -30.46 -38.89
N ASN A 63 1.24 -31.48 -38.26
CA ASN A 63 1.86 -32.02 -37.06
C ASN A 63 3.17 -32.72 -37.38
N THR A 64 3.25 -33.41 -38.53
CA THR A 64 4.49 -34.07 -38.91
C THR A 64 5.60 -33.05 -39.13
N VAL A 65 5.31 -31.98 -39.86
CA VAL A 65 6.34 -30.98 -40.11
C VAL A 65 6.71 -30.23 -38.83
N VAL A 66 5.75 -30.00 -37.93
CA VAL A 66 6.06 -29.36 -36.66
C VAL A 66 6.99 -30.23 -35.83
N CYS A 67 6.69 -31.54 -35.75
CA CYS A 67 7.55 -32.45 -35.01
C CYS A 67 8.94 -32.52 -35.63
N PHE A 68 9.01 -32.55 -36.96
CA PHE A 68 10.31 -32.58 -37.63
C PHE A 68 11.11 -31.32 -37.33
N ILE A 69 10.45 -30.16 -37.35
CA ILE A 69 11.14 -28.90 -37.09
C ILE A 69 11.65 -28.86 -35.65
N VAL A 70 10.81 -29.24 -34.69
CA VAL A 70 11.22 -29.15 -33.29
C VAL A 70 12.32 -30.15 -32.98
N MET A 71 12.27 -31.35 -33.58
CA MET A 71 13.29 -32.35 -33.28
C MET A 71 14.61 -32.07 -34.00
N ARG A 72 14.56 -31.61 -35.24
CA ARG A 72 15.78 -31.48 -36.05
C ARG A 72 16.64 -30.32 -35.59
N ASN A 73 16.04 -29.17 -35.34
CA ASN A 73 16.78 -27.97 -34.99
C ASN A 73 16.94 -27.91 -33.46
N LYS A 74 18.19 -27.87 -33.00
CA LYS A 74 18.44 -27.89 -31.57
C LYS A 74 18.14 -26.54 -30.92
N HIS A 75 18.31 -25.45 -31.65
CA HIS A 75 18.02 -24.12 -31.11
C HIS A 75 16.54 -23.93 -30.79
N MET A 76 15.66 -24.70 -31.45
CA MET A 76 14.22 -24.53 -31.23
C MET A 76 13.81 -24.94 -29.83
N HIS A 77 14.45 -25.98 -29.27
CA HIS A 77 14.00 -26.57 -28.02
C HIS A 77 13.96 -25.57 -26.86
N THR A 78 12.75 -25.26 -26.41
CA THR A 78 12.52 -24.43 -25.23
C THR A 78 11.30 -25.00 -24.50
N VAL A 79 10.93 -24.35 -23.40
CA VAL A 79 9.76 -24.79 -22.64
C VAL A 79 8.49 -24.63 -23.47
N THR A 80 8.29 -23.44 -24.05
CA THR A 80 7.12 -23.21 -24.87
C THR A 80 7.11 -24.13 -26.09
N ASN A 81 8.27 -24.31 -26.71
CA ASN A 81 8.35 -25.19 -27.86
C ASN A 81 8.15 -26.65 -27.47
N LEU A 82 8.56 -27.04 -26.25
CA LEU A 82 8.28 -28.38 -25.77
C LEU A 82 6.78 -28.60 -25.59
N PHE A 83 6.08 -27.61 -25.02
CA PHE A 83 4.64 -27.73 -24.93
C PHE A 83 3.98 -27.72 -26.30
N ILE A 84 4.54 -27.00 -27.26
CA ILE A 84 4.02 -27.04 -28.63
C ILE A 84 4.17 -28.44 -29.22
N LEU A 85 5.31 -29.08 -28.96
CA LEU A 85 5.51 -30.46 -29.39
C LEU A 85 4.50 -31.39 -28.72
N ASN A 86 4.21 -31.17 -27.44
CA ASN A 86 3.19 -31.96 -26.76
C ASN A 86 1.82 -31.76 -27.40
N LEU A 87 1.49 -30.52 -27.75
CA LEU A 87 0.25 -30.25 -28.46
C LEU A 87 0.20 -30.98 -29.79
N ALA A 88 1.33 -31.00 -30.51
CA ALA A 88 1.40 -31.71 -31.78
C ALA A 88 1.18 -33.20 -31.58
N ILE A 89 1.75 -33.77 -30.51
CA ILE A 89 1.56 -35.18 -30.22
C ILE A 89 0.08 -35.48 -29.94
N SER A 90 -0.56 -34.62 -29.15
CA SER A 90 -1.98 -34.83 -28.85
C SER A 90 -2.83 -34.72 -30.12
N ASP A 91 -2.51 -33.75 -30.98
CA ASP A 91 -3.24 -33.60 -32.24
C ASP A 91 -3.03 -34.81 -33.14
N LEU A 92 -1.82 -35.36 -33.15
CA LEU A 92 -1.56 -36.59 -33.89
C LEU A 92 -2.40 -37.74 -33.34
N LEU A 93 -2.51 -37.83 -32.01
CA LEU A 93 -3.35 -38.87 -31.42
C LEU A 93 -4.81 -38.70 -31.86
N VAL A 94 -5.30 -37.46 -31.89
CA VAL A 94 -6.66 -37.22 -32.40
C VAL A 94 -6.77 -37.67 -33.85
N GLY A 95 -5.78 -37.29 -34.66
CA GLY A 95 -5.84 -37.62 -36.09
C GLY A 95 -5.82 -39.11 -36.36
N ILE A 96 -5.09 -39.87 -35.54
CA ILE A 96 -4.99 -41.31 -35.78
C ILE A 96 -6.18 -42.05 -35.19
N PHE A 97 -6.49 -41.78 -33.92
CA PHE A 97 -7.44 -42.62 -33.19
C PHE A 97 -8.85 -42.03 -33.10
N CYS A 98 -9.09 -40.85 -33.65
CA CYS A 98 -10.41 -40.29 -33.47
C CYS A 98 -11.09 -39.87 -34.78
N MET A 99 -10.34 -39.34 -35.74
CA MET A 99 -10.96 -38.74 -36.91
C MET A 99 -11.42 -39.78 -37.93
N PRO A 100 -10.56 -40.70 -38.40
CA PRO A 100 -11.06 -41.71 -39.36
C PRO A 100 -12.14 -42.59 -38.77
N ILE A 101 -12.04 -42.90 -37.48
CA ILE A 101 -13.07 -43.73 -36.84
C ILE A 101 -14.40 -43.00 -36.83
N THR A 102 -14.39 -41.70 -36.50
CA THR A 102 -15.62 -40.93 -36.51
C THR A 102 -16.17 -40.81 -37.93
N LEU A 103 -15.30 -40.63 -38.93
CA LEU A 103 -15.77 -40.54 -40.31
C LEU A 103 -16.44 -41.83 -40.75
N LEU A 104 -15.83 -42.97 -40.43
CA LEU A 104 -16.41 -44.26 -40.79
C LEU A 104 -17.69 -44.53 -40.00
N ASP A 105 -17.77 -44.03 -38.76
CA ASP A 105 -19.01 -44.12 -38.01
C ASP A 105 -20.12 -43.30 -38.66
N ASN A 106 -19.78 -42.13 -39.18
CA ASN A 106 -20.80 -41.27 -39.77
C ASN A 106 -21.27 -41.80 -41.11
N ILE A 107 -20.36 -42.29 -41.95
CA ILE A 107 -20.75 -42.74 -43.28
C ILE A 107 -21.59 -44.02 -43.20
N ILE A 108 -21.24 -44.92 -42.29
CA ILE A 108 -21.92 -46.21 -42.17
C ILE A 108 -23.00 -46.10 -41.10
N ALA A 109 -24.03 -46.93 -41.23
CA ALA A 109 -25.12 -46.95 -40.26
C ALA A 109 -24.66 -47.65 -38.98
N GLY A 110 -24.92 -47.01 -37.84
CA GLY A 110 -24.50 -47.57 -36.58
C GLY A 110 -22.99 -47.49 -36.40
N TRP A 111 -22.48 -48.35 -35.52
CA TRP A 111 -21.05 -48.40 -35.25
C TRP A 111 -20.51 -49.74 -35.75
N PRO A 112 -19.90 -49.79 -36.94
CA PRO A 112 -19.40 -51.07 -37.45
C PRO A 112 -18.31 -51.70 -36.59
N PHE A 113 -17.49 -50.88 -35.94
CA PHE A 113 -16.38 -51.40 -35.16
C PHE A 113 -16.88 -52.00 -33.84
N GLY A 114 -15.98 -52.70 -33.15
CA GLY A 114 -16.29 -53.30 -31.89
C GLY A 114 -16.30 -52.30 -30.75
N ASN A 115 -16.64 -52.81 -29.56
CA ASN A 115 -16.67 -51.95 -28.37
C ASN A 115 -15.27 -51.45 -28.01
N THR A 116 -14.24 -52.28 -28.21
CA THR A 116 -12.89 -51.87 -27.88
C THR A 116 -12.46 -50.67 -28.72
N MET A 117 -12.75 -50.69 -30.02
CA MET A 117 -12.37 -49.58 -30.88
C MET A 117 -13.09 -48.30 -30.47
N CYS A 118 -14.39 -48.40 -30.16
CA CYS A 118 -15.15 -47.22 -29.76
C CYS A 118 -14.64 -46.63 -28.46
N LYS A 119 -14.37 -47.49 -27.47
CA LYS A 119 -13.87 -46.98 -26.19
C LYS A 119 -12.49 -46.36 -26.35
N ILE A 120 -11.63 -46.98 -27.16
CA ILE A 120 -10.31 -46.40 -27.42
C ILE A 120 -10.45 -45.03 -28.07
N SER A 121 -11.32 -44.92 -29.06
CA SER A 121 -11.49 -43.64 -29.75
C SER A 121 -11.98 -42.55 -28.81
N GLY A 122 -13.04 -42.85 -28.05
CA GLY A 122 -13.58 -41.85 -27.14
C GLY A 122 -12.60 -41.46 -26.05
N LEU A 123 -11.92 -42.46 -25.48
CA LEU A 123 -10.94 -42.19 -24.42
C LEU A 123 -9.79 -41.34 -24.96
N VAL A 124 -9.30 -41.66 -26.16
CA VAL A 124 -8.21 -40.89 -26.73
C VAL A 124 -8.64 -39.45 -27.02
N GLN A 125 -9.86 -39.28 -27.53
CA GLN A 125 -10.36 -37.93 -27.78
C GLN A 125 -10.41 -37.13 -26.49
N GLY A 126 -10.96 -37.72 -25.42
CA GLY A 126 -11.02 -37.00 -24.16
C GLY A 126 -9.65 -36.69 -23.58
N ILE A 127 -8.74 -37.67 -23.63
CA ILE A 127 -7.39 -37.47 -23.11
C ILE A 127 -6.71 -36.33 -23.85
N SER A 128 -6.84 -36.30 -25.17
CA SER A 128 -6.18 -35.27 -25.95
C SER A 128 -6.79 -33.90 -25.70
N VAL A 129 -8.11 -33.83 -25.52
CA VAL A 129 -8.75 -32.55 -25.20
C VAL A 129 -8.21 -32.02 -23.87
N ALA A 130 -8.17 -32.87 -22.84
CA ALA A 130 -7.69 -32.43 -21.54
C ALA A 130 -6.21 -32.05 -21.61
N ALA A 131 -5.41 -32.83 -22.33
CA ALA A 131 -3.99 -32.52 -22.47
C ALA A 131 -3.77 -31.20 -23.18
N SER A 132 -4.56 -30.94 -24.24
CA SER A 132 -4.44 -29.67 -24.96
C SER A 132 -4.80 -28.50 -24.06
N VAL A 133 -5.88 -28.62 -23.29
CA VAL A 133 -6.29 -27.53 -22.40
C VAL A 133 -5.20 -27.27 -21.37
N PHE A 134 -4.68 -28.33 -20.75
CA PHE A 134 -3.68 -28.14 -19.71
C PHE A 134 -2.36 -27.64 -20.27
N THR A 135 -1.98 -28.06 -21.47
CA THR A 135 -0.79 -27.55 -22.12
C THR A 135 -0.94 -26.07 -22.44
N LEU A 136 -2.11 -25.64 -22.91
CA LEU A 136 -2.35 -24.23 -23.15
C LEU A 136 -2.24 -23.43 -21.85
N VAL A 137 -2.81 -23.98 -20.76
CA VAL A 137 -2.72 -23.29 -19.47
C VAL A 137 -1.27 -23.17 -19.03
N ALA A 138 -0.49 -24.24 -19.19
CA ALA A 138 0.92 -24.20 -18.80
C ALA A 138 1.70 -23.20 -19.64
N ILE A 139 1.44 -23.16 -20.95
CA ILE A 139 2.10 -22.19 -21.81
C ILE A 139 1.80 -20.77 -21.36
N ALA A 140 0.52 -20.50 -21.10
CA ALA A 140 0.13 -19.17 -20.67
C ALA A 140 0.76 -18.81 -19.34
N VAL A 141 0.84 -19.76 -18.41
CA VAL A 141 1.46 -19.51 -17.11
C VAL A 141 2.95 -19.21 -17.28
N ASP A 142 3.63 -19.98 -18.14
CA ASP A 142 5.05 -19.74 -18.37
C ASP A 142 5.28 -18.36 -18.97
N ARG A 143 4.46 -17.96 -19.94
CA ARG A 143 4.65 -16.63 -20.53
C ARG A 143 4.25 -15.53 -19.56
N PHE A 144 3.29 -15.80 -18.68
CA PHE A 144 2.94 -14.86 -17.62
C PHE A 144 4.11 -14.63 -16.69
N GLN A 145 4.81 -15.72 -16.32
CA GLN A 145 6.02 -15.58 -15.51
C GLN A 145 7.11 -14.83 -16.29
N CYS A 146 7.23 -15.11 -17.58
CA CYS A 146 8.28 -14.48 -18.38
C CYS A 146 8.07 -12.98 -18.52
N VAL A 147 6.81 -12.54 -18.67
CA VAL A 147 6.53 -11.14 -18.98
C VAL A 147 6.28 -10.34 -17.71
N VAL A 148 5.28 -10.76 -16.94
CA VAL A 148 4.84 -9.97 -15.79
C VAL A 148 5.91 -9.96 -14.70
N TYR A 149 6.59 -11.09 -14.49
CA TYR A 149 7.59 -11.23 -13.44
C TYR A 149 8.89 -11.75 -14.05
N PRO A 150 9.55 -10.94 -14.89
CA PRO A 150 10.76 -11.43 -15.57
C PRO A 150 11.93 -11.70 -14.63
N PHE A 151 11.90 -11.16 -13.40
CA PHE A 151 12.99 -11.40 -12.47
C PHE A 151 13.04 -12.86 -12.01
N LYS A 152 11.90 -13.55 -12.04
CA LYS A 152 11.88 -14.95 -11.63
C LYS A 152 12.69 -15.80 -12.60
N PRO A 153 13.36 -16.84 -12.11
CA PRO A 153 14.16 -17.70 -12.99
C PRO A 153 13.27 -18.41 -14.02
N LYS A 154 13.83 -18.58 -15.21
CA LYS A 154 13.11 -19.27 -16.28
C LYS A 154 13.04 -20.76 -16.00
N LEU A 155 11.89 -21.35 -16.31
CA LEU A 155 11.71 -22.79 -16.11
C LEU A 155 12.64 -23.58 -17.03
N THR A 156 13.18 -24.68 -16.51
CA THR A 156 14.10 -25.51 -17.25
C THR A 156 13.34 -26.53 -18.09
N ILE A 157 14.10 -27.23 -18.94
CA ILE A 157 13.51 -28.28 -19.79
C ILE A 157 12.98 -29.42 -18.94
N LYS A 158 13.71 -29.79 -17.88
CA LYS A 158 13.27 -30.88 -17.02
C LYS A 158 11.95 -30.55 -16.33
N THR A 159 11.81 -29.30 -15.86
CA THR A 159 10.56 -28.90 -15.24
C THR A 159 9.40 -28.95 -16.24
N ALA A 160 9.64 -28.51 -17.47
CA ALA A 160 8.61 -28.60 -18.49
C ALA A 160 8.24 -30.05 -18.77
N PHE A 161 9.22 -30.94 -18.80
CA PHE A 161 8.96 -32.35 -19.06
C PHE A 161 8.13 -32.98 -17.95
N VAL A 162 8.48 -32.70 -16.69
CA VAL A 162 7.70 -33.27 -15.59
C VAL A 162 6.31 -32.64 -15.55
N ILE A 163 6.18 -31.38 -15.95
CA ILE A 163 4.85 -30.76 -16.05
C ILE A 163 4.02 -31.47 -17.12
N ILE A 164 4.65 -31.81 -18.25
CA ILE A 164 3.95 -32.54 -19.29
C ILE A 164 3.50 -33.91 -18.78
N MET A 165 4.38 -34.60 -18.05
CA MET A 165 4.02 -35.90 -17.50
C MET A 165 2.85 -35.80 -16.53
N ILE A 166 2.88 -34.82 -15.63
CA ILE A 166 1.79 -34.70 -14.67
C ILE A 166 0.50 -34.25 -15.37
N ILE A 167 0.61 -33.49 -16.45
CA ILE A 167 -0.57 -33.11 -17.23
C ILE A 167 -1.20 -34.35 -17.86
N TRP A 168 -0.36 -35.22 -18.44
CA TRP A 168 -0.88 -36.45 -19.02
C TRP A 168 -1.51 -37.34 -17.95
N VAL A 169 -0.88 -37.42 -16.77
CA VAL A 169 -1.43 -38.21 -15.67
C VAL A 169 -2.79 -37.65 -15.23
N LEU A 170 -2.89 -36.32 -15.14
CA LEU A 170 -4.15 -35.70 -14.76
C LEU A 170 -5.24 -36.00 -15.79
N ALA A 171 -4.91 -35.92 -17.08
CA ALA A 171 -5.88 -36.26 -18.11
C ALA A 171 -6.32 -37.70 -17.99
N ILE A 172 -5.36 -38.61 -17.76
CA ILE A 172 -5.68 -40.03 -17.59
C ILE A 172 -6.65 -40.22 -16.43
N THR A 173 -6.35 -39.62 -15.29
CA THR A 173 -7.17 -39.85 -14.10
C THR A 173 -8.47 -39.07 -14.13
N ILE A 174 -8.63 -38.10 -15.02
CA ILE A 174 -9.87 -37.33 -15.05
C ILE A 174 -10.83 -37.89 -16.10
N MET A 175 -10.30 -38.52 -17.16
CA MET A 175 -11.20 -39.12 -18.15
C MET A 175 -10.91 -40.59 -18.41
N SER A 176 -10.44 -41.32 -17.40
CA SER A 176 -10.49 -42.78 -17.45
C SER A 176 -11.89 -43.34 -17.24
N PRO A 177 -12.78 -42.72 -16.44
CA PRO A 177 -14.13 -43.27 -16.28
C PRO A 177 -14.88 -43.48 -17.59
N SER A 178 -14.66 -42.62 -18.59
CA SER A 178 -15.33 -42.80 -19.87
C SER A 178 -14.94 -44.12 -20.51
N ALA A 179 -13.64 -44.46 -20.48
CA ALA A 179 -13.20 -45.71 -21.07
C ALA A 179 -13.60 -46.91 -20.24
N VAL A 180 -13.39 -46.84 -18.91
CA VAL A 180 -13.59 -48.02 -18.08
C VAL A 180 -15.06 -48.40 -18.00
N MET A 181 -15.96 -47.42 -18.14
CA MET A 181 -17.40 -47.69 -18.13
C MET A 181 -17.94 -47.34 -19.51
N LEU A 182 -18.07 -48.36 -20.35
CA LEU A 182 -18.62 -48.18 -21.69
C LEU A 182 -19.00 -49.55 -22.24
N HIS A 183 -19.93 -49.55 -23.19
CA HIS A 183 -20.42 -50.79 -23.78
C HIS A 183 -21.12 -50.47 -25.09
N VAL A 184 -21.22 -51.48 -25.94
CA VAL A 184 -21.96 -51.40 -27.20
C VAL A 184 -23.32 -52.05 -26.97
N GLN A 185 -24.38 -51.31 -27.24
CA GLN A 185 -25.74 -51.78 -27.04
C GLN A 185 -26.40 -52.05 -28.39
N GLU A 186 -27.20 -53.11 -28.43
CA GLU A 186 -27.90 -53.53 -29.64
C GLU A 186 -29.32 -52.97 -29.63
N GLU A 187 -29.72 -52.38 -30.76
CA GLU A 187 -31.06 -51.84 -30.92
C GLU A 187 -31.84 -52.77 -31.84
N LYS A 188 -32.94 -53.33 -31.32
CA LYS A 188 -33.69 -54.33 -32.06
C LYS A 188 -34.68 -53.74 -33.06
N TYR A 189 -35.10 -52.49 -32.86
CA TYR A 189 -36.12 -51.90 -33.72
C TYR A 189 -35.58 -51.49 -35.08
N TYR A 190 -34.26 -51.36 -35.24
CA TYR A 190 -33.65 -51.02 -36.53
C TYR A 190 -32.66 -52.11 -36.90
N ARG A 191 -32.83 -52.68 -38.10
CA ARG A 191 -31.95 -53.71 -38.61
C ARG A 191 -31.35 -53.24 -39.94
N VAL A 192 -30.04 -53.35 -40.06
CA VAL A 192 -29.30 -52.92 -41.24
C VAL A 192 -29.09 -54.11 -42.16
N ARG A 193 -29.26 -53.87 -43.46
CA ARG A 193 -28.98 -54.88 -44.48
C ARG A 193 -28.21 -54.23 -45.62
N LEU A 194 -27.50 -55.06 -46.36
CA LEU A 194 -26.73 -54.59 -47.52
C LEU A 194 -27.67 -54.24 -48.68
N ASN A 198 -26.63 -58.94 -48.66
CA ASN A 198 -28.01 -59.32 -48.35
C ASN A 198 -28.09 -59.97 -46.97
N LYS A 199 -27.34 -59.42 -46.01
CA LYS A 199 -27.31 -59.92 -44.64
C LYS A 199 -27.95 -58.88 -43.72
N THR A 200 -28.93 -59.32 -42.93
CA THR A 200 -29.68 -58.43 -42.05
C THR A 200 -29.23 -58.66 -40.61
N SER A 201 -28.88 -57.56 -39.92
CA SER A 201 -28.44 -57.64 -38.54
C SER A 201 -28.90 -56.40 -37.78
N PRO A 202 -29.35 -56.54 -36.53
CA PRO A 202 -29.77 -55.36 -35.77
C PRO A 202 -28.62 -54.39 -35.57
N VAL A 203 -28.94 -53.10 -35.53
CA VAL A 203 -27.91 -52.07 -35.45
C VAL A 203 -27.29 -52.07 -34.06
N TYR A 204 -26.05 -51.59 -33.98
CA TYR A 204 -25.30 -51.48 -32.74
C TYR A 204 -24.85 -50.04 -32.56
N TRP A 205 -24.79 -49.57 -31.31
CA TRP A 205 -24.29 -48.24 -31.03
C TRP A 205 -23.63 -48.23 -29.67
N CYS A 206 -22.55 -47.47 -29.54
CA CYS A 206 -21.82 -47.35 -28.28
C CYS A 206 -22.09 -45.97 -27.67
N ARG A 207 -22.72 -45.97 -26.50
CA ARG A 207 -22.96 -44.74 -25.76
C ARG A 207 -22.74 -45.01 -24.28
N GLU A 208 -22.46 -43.95 -23.53
CA GLU A 208 -22.16 -44.07 -22.11
C GLU A 208 -23.41 -44.55 -21.37
N ASP A 209 -23.38 -45.81 -20.91
CA ASP A 209 -24.52 -46.42 -20.23
C ASP A 209 -24.43 -46.17 -18.73
N TRP A 210 -24.63 -44.90 -18.37
CA TRP A 210 -24.65 -44.52 -16.97
C TRP A 210 -25.86 -45.12 -16.27
N PRO A 211 -25.77 -45.38 -14.97
CA PRO A 211 -26.95 -45.91 -14.25
C PRO A 211 -28.15 -45.00 -14.34
N ASN A 212 -27.95 -43.69 -14.36
CA ASN A 212 -29.03 -42.73 -14.57
C ASN A 212 -28.45 -41.50 -15.24
N GLN A 213 -29.34 -40.73 -15.88
CA GLN A 213 -28.89 -39.54 -16.60
C GLN A 213 -28.36 -38.46 -15.65
N GLU A 214 -28.71 -38.52 -14.37
CA GLU A 214 -28.25 -37.50 -13.43
C GLU A 214 -26.74 -37.56 -13.26
N MET A 215 -26.17 -38.76 -13.09
CA MET A 215 -24.73 -38.88 -12.94
C MET A 215 -24.00 -38.47 -14.22
N ARG A 216 -24.53 -38.86 -15.38
CA ARG A 216 -23.92 -38.45 -16.64
C ARG A 216 -23.95 -36.93 -16.78
N LYS A 217 -25.07 -36.30 -16.45
CA LYS A 217 -25.18 -34.85 -16.54
C LYS A 217 -24.21 -34.16 -15.59
N ILE A 218 -24.11 -34.65 -14.35
CA ILE A 218 -23.24 -33.99 -13.38
C ILE A 218 -21.77 -34.17 -13.76
N TYR A 219 -21.41 -35.35 -14.28
CA TYR A 219 -20.04 -35.56 -14.74
C TYR A 219 -19.71 -34.67 -15.93
N THR A 220 -20.64 -34.55 -16.89
CA THR A 220 -20.41 -33.70 -18.04
C THR A 220 -20.28 -32.24 -17.63
N THR A 221 -21.13 -31.78 -16.70
CA THR A 221 -21.07 -30.38 -16.27
C THR A 221 -19.78 -30.10 -15.50
N VAL A 222 -19.37 -31.01 -14.61
CA VAL A 222 -18.13 -30.78 -13.88
C VAL A 222 -16.93 -30.83 -14.82
N LEU A 223 -16.97 -31.68 -15.84
CA LEU A 223 -15.89 -31.71 -16.83
C LEU A 223 -15.87 -30.42 -17.63
N PHE A 224 -17.04 -29.90 -17.99
CA PHE A 224 -17.12 -28.64 -18.72
C PHE A 224 -16.56 -27.49 -17.87
N ALA A 225 -16.86 -27.50 -16.58
CA ALA A 225 -16.37 -26.44 -15.71
C ALA A 225 -14.86 -26.53 -15.49
N ASN A 226 -14.34 -27.73 -15.26
CA ASN A 226 -12.93 -27.90 -14.95
C ASN A 226 -12.05 -27.78 -16.20
N ILE A 227 -12.54 -28.21 -17.35
CA ILE A 227 -11.73 -28.31 -18.55
C ILE A 227 -11.91 -27.09 -19.46
N TYR A 228 -13.14 -26.62 -19.64
CA TYR A 228 -13.40 -25.55 -20.60
C TYR A 228 -13.54 -24.18 -19.94
N LEU A 229 -14.49 -24.03 -19.00
CA LEU A 229 -14.85 -22.70 -18.53
C LEU A 229 -13.74 -22.09 -17.68
N ALA A 230 -13.29 -22.78 -16.64
CA ALA A 230 -12.27 -22.23 -15.77
C ALA A 230 -10.95 -21.96 -16.49
N PRO A 231 -10.41 -22.90 -17.28
CA PRO A 231 -9.22 -22.54 -18.08
C PRO A 231 -9.47 -21.44 -19.07
N LEU A 232 -10.67 -21.33 -19.64
CA LEU A 232 -10.98 -20.19 -20.51
C LEU A 232 -10.83 -18.88 -19.76
N SER A 233 -11.45 -18.77 -18.60
CA SER A 233 -11.36 -17.53 -17.84
C SER A 233 -9.93 -17.24 -17.41
N LEU A 234 -9.21 -18.27 -16.95
CA LEU A 234 -7.84 -18.08 -16.51
C LEU A 234 -6.95 -17.60 -17.66
N ILE A 235 -7.05 -18.26 -18.81
CA ILE A 235 -6.22 -17.90 -19.95
C ILE A 235 -6.55 -16.50 -20.43
N VAL A 236 -7.84 -16.17 -20.53
CA VAL A 236 -8.23 -14.85 -21.02
C VAL A 236 -7.72 -13.75 -20.09
N ILE A 237 -7.97 -13.90 -18.78
CA ILE A 237 -7.57 -12.86 -17.85
C ILE A 237 -6.05 -12.75 -17.76
N MET A 238 -5.34 -13.88 -17.85
CA MET A 238 -3.89 -13.84 -17.72
C MET A 238 -3.24 -13.26 -18.97
N TYR A 239 -3.78 -13.57 -20.15
CA TYR A 239 -3.28 -12.94 -21.37
C TYR A 239 -3.59 -11.45 -21.38
N GLY A 240 -4.75 -11.04 -20.85
CA GLY A 240 -5.02 -9.62 -20.70
C GLY A 240 -4.03 -8.94 -19.77
N ARG A 241 -3.71 -9.57 -18.64
CA ARG A 241 -2.74 -9.01 -17.71
C ARG A 241 -1.36 -8.93 -18.35
N ILE A 242 -0.99 -9.93 -19.15
CA ILE A 242 0.27 -9.89 -19.88
C ILE A 242 0.27 -8.71 -20.86
N GLY A 243 -0.82 -8.53 -21.59
CA GLY A 243 -0.91 -7.40 -22.50
C GLY A 243 -0.76 -6.07 -21.79
N ILE A 244 -1.38 -5.93 -20.61
CA ILE A 244 -1.19 -4.72 -19.81
C ILE A 244 0.27 -4.58 -19.41
N SER A 245 0.87 -5.64 -18.88
CA SER A 245 2.24 -5.57 -18.41
C SER A 245 3.22 -5.32 -19.56
N ALA A 246 3.00 -5.97 -20.71
CA ALA A 246 3.91 -5.82 -21.84
C ALA A 246 3.90 -4.39 -22.37
N ARG A 247 2.72 -3.78 -22.48
CA ARG A 247 2.64 -2.43 -23.03
C ARG A 247 3.21 -1.38 -22.07
N ARG A 248 3.03 -1.59 -20.76
CA ARG A 248 3.52 -0.61 -19.80
C ARG A 248 5.04 -0.49 -19.83
N GLN A 249 5.74 -1.61 -20.01
CA GLN A 249 7.20 -1.59 -19.95
C GLN A 249 7.79 -0.70 -21.04
N LEU A 250 7.27 -0.79 -22.26
CA LEU A 250 7.79 0.02 -23.35
C LEU A 250 7.44 1.49 -23.20
N ALA A 251 6.27 1.79 -22.64
CA ALA A 251 5.86 3.19 -22.47
C ALA A 251 6.79 3.92 -21.51
N ASP A 252 7.16 3.28 -20.40
CA ASP A 252 8.07 3.91 -19.45
C ASP A 252 9.45 4.07 -20.04
N LEU A 253 9.91 3.08 -20.81
CA LEU A 253 11.22 3.17 -21.44
C LEU A 253 11.31 4.35 -22.39
N GLU A 254 10.27 4.56 -23.20
CA GLU A 254 10.26 5.71 -24.10
C GLU A 254 10.20 7.02 -23.32
N ASP A 255 9.41 7.06 -22.25
CA ASP A 255 9.29 8.29 -21.47
C ASP A 255 10.60 8.66 -20.80
N ASN A 256 11.30 7.69 -20.21
CA ASN A 256 12.57 7.97 -19.57
C ASN A 256 13.62 8.41 -20.59
N TRP A 257 13.62 7.78 -21.76
CA TRP A 257 14.56 8.18 -22.81
C TRP A 257 14.29 9.60 -23.29
N GLU A 258 13.03 9.97 -23.46
CA GLU A 258 12.69 11.31 -23.92
C GLU A 258 12.78 12.34 -22.83
N THR A 259 12.74 11.94 -21.56
CA THR A 259 13.00 12.88 -20.48
C THR A 259 14.47 13.28 -20.44
N LEU A 260 15.37 12.30 -20.64
CA LEU A 260 16.79 12.62 -20.70
C LEU A 260 17.12 13.45 -21.94
N ASN A 261 16.48 13.14 -23.07
CA ASN A 261 16.81 13.82 -24.32
C ASN A 261 16.32 15.26 -24.33
N ASP A 262 15.07 15.49 -23.91
CA ASP A 262 14.50 16.83 -24.00
C ASP A 262 15.05 17.75 -22.91
N ASN A 263 15.41 17.21 -21.75
CA ASN A 263 16.02 18.04 -20.71
C ASN A 263 17.43 18.45 -21.07
N LEU A 264 18.14 17.63 -21.87
CA LEU A 264 19.45 18.03 -22.35
C LEU A 264 19.36 19.27 -23.23
N LYS A 265 18.35 19.34 -24.09
CA LYS A 265 18.12 20.53 -24.89
C LYS A 265 17.76 21.73 -24.01
N VAL A 266 17.08 21.48 -22.89
CA VAL A 266 16.75 22.56 -21.96
C VAL A 266 18.02 23.17 -21.38
N ILE A 267 18.98 22.32 -21.00
CA ILE A 267 20.21 22.81 -20.40
C ILE A 267 20.99 23.68 -21.38
N GLU A 268 21.05 23.25 -22.64
CA GLU A 268 21.75 24.03 -23.65
C GLU A 268 21.12 25.40 -23.84
N LYS A 269 19.78 25.47 -23.82
CA LYS A 269 19.06 26.72 -24.03
C LYS A 269 18.76 27.47 -22.75
N ALA A 270 19.07 26.90 -21.59
CA ALA A 270 18.80 27.58 -20.32
C ALA A 270 19.71 28.78 -20.15
N ASP A 271 19.18 29.81 -19.50
CA ASP A 271 19.90 31.07 -19.32
C ASP A 271 20.51 31.23 -17.94
N ASN A 272 19.92 30.62 -16.91
CA ASN A 272 20.41 30.75 -15.55
C ASN A 272 20.48 29.37 -14.90
N ALA A 273 21.01 29.33 -13.69
CA ALA A 273 21.34 28.08 -13.02
C ALA A 273 20.17 27.48 -12.25
N ALA A 274 19.04 28.16 -12.14
CA ALA A 274 17.90 27.59 -11.42
C ALA A 274 17.25 26.48 -12.23
N GLN A 275 17.03 26.69 -13.53
CA GLN A 275 16.39 25.67 -14.35
C GLN A 275 17.37 24.67 -14.95
N VAL A 276 18.68 24.94 -14.87
CA VAL A 276 19.65 23.89 -15.15
C VAL A 276 19.63 22.85 -14.05
N LYS A 277 19.53 23.31 -12.80
CA LYS A 277 19.37 22.39 -11.67
C LYS A 277 18.09 21.58 -11.81
N ASP A 278 16.99 22.24 -12.21
CA ASP A 278 15.73 21.54 -12.39
C ASP A 278 15.82 20.53 -13.52
N ALA A 279 16.45 20.91 -14.63
CA ALA A 279 16.63 19.97 -15.74
C ALA A 279 17.52 18.81 -15.33
N LEU A 280 18.61 19.08 -14.64
CA LEU A 280 19.49 18.02 -14.16
C LEU A 280 18.78 17.13 -13.15
N THR A 281 17.88 17.69 -12.35
CA THR A 281 17.10 16.89 -11.42
C THR A 281 16.19 15.92 -12.16
N LYS A 282 15.55 16.38 -13.24
CA LYS A 282 14.69 15.50 -14.02
C LYS A 282 15.49 14.43 -14.75
N MET A 283 16.68 14.79 -15.24
CA MET A 283 17.54 13.82 -15.91
C MET A 283 17.98 12.71 -14.95
N ARG A 284 18.31 13.09 -13.71
CA ARG A 284 18.82 12.11 -12.76
C ARG A 284 17.76 11.06 -12.42
N ALA A 285 16.52 11.50 -12.20
CA ALA A 285 15.46 10.55 -11.87
C ALA A 285 15.19 9.61 -13.03
N ALA A 286 15.18 10.12 -14.26
CA ALA A 286 14.98 9.27 -15.43
C ALA A 286 16.11 8.27 -15.61
N ALA A 287 17.36 8.72 -15.39
CA ALA A 287 18.50 7.83 -15.52
C ALA A 287 18.43 6.71 -14.48
N LEU A 288 18.05 7.05 -13.24
CA LEU A 288 17.88 6.03 -12.22
C LEU A 288 16.73 5.08 -12.57
N ASP A 289 15.67 5.62 -13.16
CA ASP A 289 14.53 4.79 -13.54
C ASP A 289 14.88 3.88 -14.71
N ALA A 290 15.53 4.42 -15.74
CA ALA A 290 15.88 3.63 -16.91
C ALA A 290 16.85 2.50 -16.53
N GLN A 291 17.80 2.79 -15.64
CA GLN A 291 18.72 1.76 -15.18
C GLN A 291 17.99 0.66 -14.41
N LYS A 292 16.93 1.01 -13.67
CA LYS A 292 16.15 0.02 -12.95
C LYS A 292 15.42 -0.91 -13.91
N ALA A 293 15.00 -0.40 -15.07
CA ALA A 293 14.30 -1.22 -16.04
C ALA A 293 15.16 -2.39 -16.50
N THR A 294 14.55 -3.57 -16.56
CA THR A 294 15.25 -4.78 -16.96
C THR A 294 14.72 -5.29 -18.30
N ASP A 310 27.13 -4.28 -18.00
CA ASP A 310 27.48 -3.42 -19.11
C ASP A 310 26.42 -2.35 -19.33
N PHE A 311 25.15 -2.77 -19.35
CA PHE A 311 24.05 -1.82 -19.48
C PHE A 311 23.94 -0.95 -18.24
N ARG A 312 24.03 -1.57 -17.05
CA ARG A 312 23.98 -0.79 -15.81
C ARG A 312 25.23 0.04 -15.63
N HIS A 313 26.37 -0.40 -16.17
CA HIS A 313 27.60 0.38 -16.06
C HIS A 313 27.48 1.70 -16.82
N GLY A 314 26.87 1.69 -17.99
CA GLY A 314 26.69 2.92 -18.75
C GLY A 314 25.82 3.93 -18.03
N PHE A 315 24.82 3.46 -17.28
CA PHE A 315 24.00 4.35 -16.48
C PHE A 315 24.75 4.82 -15.24
N ASP A 316 25.68 4.01 -14.74
CA ASP A 316 26.53 4.46 -13.65
C ASP A 316 27.37 5.66 -14.06
N ILE A 317 27.90 5.66 -15.28
CA ILE A 317 28.67 6.78 -15.78
C ILE A 317 27.78 7.99 -16.04
N LEU A 318 26.59 7.76 -16.61
CA LEU A 318 25.69 8.87 -16.94
C LEU A 318 25.21 9.58 -15.69
N VAL A 319 24.83 8.84 -14.65
CA VAL A 319 24.37 9.45 -13.41
C VAL A 319 25.50 10.24 -12.76
N GLY A 320 26.72 9.70 -12.79
CA GLY A 320 27.84 10.40 -12.20
C GLY A 320 28.12 11.73 -12.88
N GLN A 321 27.91 11.79 -14.19
CA GLN A 321 28.10 13.04 -14.92
C GLN A 321 26.97 14.03 -14.66
N ILE A 322 25.77 13.54 -14.40
CA ILE A 322 24.68 14.41 -13.96
C ILE A 322 25.02 15.02 -12.60
N ASP A 323 25.59 14.21 -11.70
CA ASP A 323 26.09 14.74 -10.43
C ASP A 323 27.21 15.74 -10.65
N ASP A 324 28.11 15.45 -11.60
CA ASP A 324 29.20 16.39 -11.90
C ASP A 324 28.66 17.72 -12.39
N ALA A 325 27.63 17.69 -13.24
CA ALA A 325 27.01 18.93 -13.69
C ALA A 325 26.18 19.56 -12.58
N LEU A 326 25.64 18.76 -11.66
CA LEU A 326 24.84 19.30 -10.57
C LEU A 326 25.71 20.05 -9.56
N LYS A 327 26.93 19.57 -9.33
CA LYS A 327 27.85 20.30 -8.44
C LYS A 327 28.18 21.67 -9.01
N LEU A 328 28.43 21.74 -10.31
CA LEU A 328 28.75 23.01 -10.94
C LEU A 328 27.56 23.96 -10.90
N ALA A 329 26.34 23.43 -11.11
CA ALA A 329 25.14 24.26 -11.00
C ALA A 329 24.94 24.76 -9.58
N ASN A 330 25.22 23.91 -8.59
CA ASN A 330 25.10 24.33 -7.20
C ASN A 330 26.08 25.44 -6.88
N GLU A 331 27.29 25.36 -7.42
CA GLU A 331 28.29 26.40 -7.19
C GLU A 331 27.82 27.76 -7.70
N GLY A 332 26.96 27.77 -8.71
CA GLY A 332 26.32 29.01 -9.12
C GLY A 332 26.38 29.32 -10.60
N LYS A 333 27.48 29.00 -11.26
CA LYS A 333 27.68 29.38 -12.66
C LYS A 333 27.16 28.28 -13.58
N VAL A 334 26.45 28.70 -14.63
CA VAL A 334 25.79 27.78 -15.54
C VAL A 334 26.69 27.33 -16.68
N LYS A 335 27.65 28.18 -17.09
CA LYS A 335 28.39 27.93 -18.33
C LYS A 335 29.18 26.63 -18.26
N GLU A 336 29.87 26.39 -17.16
CA GLU A 336 30.63 25.14 -17.04
C GLU A 336 29.73 23.95 -16.70
N ALA A 337 28.55 24.19 -16.14
CA ALA A 337 27.60 23.11 -15.94
C ALA A 337 27.01 22.64 -17.26
N GLN A 338 26.75 23.59 -18.18
CA GLN A 338 26.28 23.22 -19.51
C GLN A 338 27.34 22.43 -20.27
N ALA A 339 28.61 22.83 -20.14
CA ALA A 339 29.68 22.08 -20.78
C ALA A 339 29.78 20.67 -20.23
N ALA A 340 29.62 20.52 -18.91
CA ALA A 340 29.59 19.19 -18.32
C ALA A 340 28.34 18.42 -18.75
N ALA A 341 27.25 19.13 -19.02
CA ALA A 341 26.04 18.49 -19.52
C ALA A 341 26.16 18.12 -21.00
N GLU A 342 26.94 18.88 -21.77
CA GLU A 342 27.10 18.57 -23.18
C GLU A 342 27.93 17.31 -23.40
N GLN A 343 28.74 16.91 -22.43
CA GLN A 343 29.47 15.66 -22.55
C GLN A 343 28.62 14.44 -22.19
N LEU A 344 27.43 14.66 -21.62
CA LEU A 344 26.49 13.57 -21.40
C LEU A 344 25.97 13.01 -22.72
N LYS A 345 25.99 13.81 -23.78
CA LYS A 345 25.54 13.32 -25.08
C LYS A 345 26.46 12.22 -25.62
N THR A 346 27.76 12.34 -25.37
CA THR A 346 28.70 11.34 -25.86
C THR A 346 28.43 9.97 -25.23
N THR A 347 28.18 9.93 -23.92
CA THR A 347 27.87 8.67 -23.27
C THR A 347 26.46 8.19 -23.57
N ARG A 348 25.53 9.12 -23.79
CA ARG A 348 24.18 8.73 -24.18
C ARG A 348 24.19 8.02 -25.54
N ASN A 349 24.99 8.52 -26.48
CA ASN A 349 25.07 7.89 -27.79
C ASN A 349 25.88 6.59 -27.74
N ALA A 350 26.93 6.55 -26.91
CA ALA A 350 27.83 5.42 -26.88
C ALA A 350 27.42 4.34 -25.88
N TYR A 351 26.44 4.59 -25.02
CA TYR A 351 26.05 3.61 -24.03
C TYR A 351 24.54 3.44 -23.85
N ILE A 352 23.72 4.38 -24.30
CA ILE A 352 22.30 4.38 -24.02
C ILE A 352 21.48 4.16 -25.28
N GLN A 353 21.92 4.72 -26.41
CA GLN A 353 21.21 4.48 -27.67
C GLN A 353 21.20 3.00 -28.03
N LYS A 354 22.35 2.33 -27.85
CA LYS A 354 22.38 0.89 -28.11
C LYS A 354 21.54 0.13 -27.09
N TYR A 355 21.51 0.59 -25.84
CA TYR A 355 20.65 -0.04 -24.84
C TYR A 355 19.19 0.11 -25.19
N LEU A 356 18.78 1.32 -25.57
CA LEU A 356 17.36 1.57 -25.85
C LEU A 356 16.90 0.78 -27.07
N GLU A 357 17.69 0.75 -28.14
CA GLU A 357 17.27 0.04 -29.34
C GLU A 357 17.22 -1.47 -29.13
N ARG A 358 18.13 -2.01 -28.32
CA ARG A 358 18.10 -3.44 -28.03
C ARG A 358 17.00 -3.79 -27.03
N ALA A 359 16.75 -2.91 -26.05
CA ALA A 359 15.65 -3.14 -25.12
C ALA A 359 14.30 -3.05 -25.84
N ARG A 360 14.18 -2.12 -26.79
CA ARG A 360 12.95 -2.05 -27.58
C ARG A 360 12.75 -3.31 -28.41
N SER A 361 13.83 -3.89 -28.92
CA SER A 361 13.73 -5.01 -29.86
C SER A 361 13.05 -6.22 -29.22
N THR A 362 13.51 -6.61 -28.02
CA THR A 362 12.94 -7.79 -27.39
C THR A 362 11.47 -7.62 -27.08
N LEU A 363 11.07 -6.42 -26.65
CA LEU A 363 9.66 -6.16 -26.34
C LEU A 363 8.76 -6.42 -27.53
N ARG A 364 9.09 -5.87 -28.70
CA ARG A 364 8.26 -6.07 -29.87
C ARG A 364 8.19 -7.54 -30.25
N LYS A 365 9.33 -8.22 -30.23
CA LYS A 365 9.35 -9.64 -30.60
C LYS A 365 8.56 -10.49 -29.61
N LYS A 366 8.48 -10.05 -28.35
CA LYS A 366 7.78 -10.85 -27.34
C LYS A 366 6.27 -10.80 -27.53
N GLN A 367 5.73 -9.70 -28.06
CA GLN A 367 4.30 -9.61 -28.29
C GLN A 367 3.83 -10.63 -29.31
N LYS A 368 4.60 -10.84 -30.38
CA LYS A 368 4.16 -11.70 -31.48
C LYS A 368 3.94 -13.13 -30.99
N ILE A 369 4.84 -13.63 -30.13
CA ILE A 369 4.66 -14.96 -29.58
C ILE A 369 3.42 -15.01 -28.69
N ILE A 370 3.22 -14.00 -27.85
CA ILE A 370 2.03 -13.94 -27.01
C ILE A 370 0.78 -13.86 -27.86
N LYS A 371 0.80 -13.04 -28.92
CA LYS A 371 -0.36 -12.93 -29.79
C LYS A 371 -0.68 -14.26 -30.47
N MET A 372 0.35 -14.97 -30.91
CA MET A 372 0.14 -16.29 -31.51
C MET A 372 -0.48 -17.26 -30.52
N LEU A 373 0.04 -17.28 -29.29
CA LEU A 373 -0.53 -18.14 -28.26
C LEU A 373 -1.95 -17.74 -27.90
N LEU A 374 -2.24 -16.43 -27.95
CA LEU A 374 -3.61 -15.99 -27.73
C LEU A 374 -4.53 -16.45 -28.86
N ILE A 375 -4.05 -16.38 -30.11
CA ILE A 375 -4.87 -16.80 -31.25
C ILE A 375 -5.15 -18.29 -31.18
N VAL A 376 -4.13 -19.10 -30.89
CA VAL A 376 -4.33 -20.54 -30.82
C VAL A 376 -5.22 -20.91 -29.65
N ALA A 377 -5.14 -20.17 -28.54
CA ALA A 377 -6.05 -20.42 -27.43
C ALA A 377 -7.48 -20.02 -27.80
N LEU A 378 -7.65 -18.87 -28.44
CA LEU A 378 -8.99 -18.42 -28.81
C LEU A 378 -9.62 -19.34 -29.85
N LEU A 379 -8.83 -19.79 -30.84
CA LEU A 379 -9.37 -20.67 -31.87
C LEU A 379 -9.73 -22.04 -31.29
N PHE A 380 -8.94 -22.53 -30.33
CA PHE A 380 -9.30 -23.75 -29.63
C PHE A 380 -10.62 -23.58 -28.89
N ILE A 381 -10.78 -22.44 -28.20
CA ILE A 381 -11.99 -22.21 -27.41
C ILE A 381 -13.19 -21.99 -28.32
N LEU A 382 -13.01 -21.26 -29.42
CA LEU A 382 -14.10 -21.04 -30.35
C LEU A 382 -14.49 -22.30 -31.09
N SER A 383 -13.53 -23.19 -31.36
CA SER A 383 -13.84 -24.42 -32.09
C SER A 383 -14.59 -25.42 -31.22
N TRP A 384 -14.23 -25.51 -29.94
CA TRP A 384 -14.90 -26.43 -29.03
C TRP A 384 -16.15 -25.84 -28.39
N LEU A 385 -16.42 -24.55 -28.61
CA LEU A 385 -17.66 -23.96 -28.10
C LEU A 385 -18.91 -24.61 -28.67
N PRO A 386 -19.04 -24.83 -29.98
CA PRO A 386 -20.29 -25.46 -30.46
C PRO A 386 -20.56 -26.83 -29.86
N LEU A 387 -19.53 -27.64 -29.63
CA LEU A 387 -19.75 -28.96 -29.04
C LEU A 387 -20.28 -28.85 -27.62
N TRP A 388 -19.63 -28.04 -26.79
CA TRP A 388 -20.07 -27.90 -25.40
C TRP A 388 -21.43 -27.22 -25.31
N THR A 389 -21.68 -26.20 -26.13
CA THR A 389 -22.97 -25.52 -26.07
C THR A 389 -24.08 -26.39 -26.64
N LEU A 390 -23.78 -27.26 -27.60
CA LEU A 390 -24.80 -28.19 -28.10
C LEU A 390 -25.13 -29.25 -27.06
N MET A 391 -24.12 -29.72 -26.33
CA MET A 391 -24.38 -30.67 -25.25
C MET A 391 -25.22 -30.03 -24.15
N MET A 392 -24.90 -28.78 -23.79
CA MET A 392 -25.67 -28.10 -22.75
C MET A 392 -27.11 -27.85 -23.21
N LEU A 393 -27.30 -27.43 -24.46
CA LEU A 393 -28.64 -27.16 -24.97
C LEU A 393 -29.46 -28.45 -25.02
N SER A 394 -28.85 -29.55 -25.43
CA SER A 394 -29.55 -30.82 -25.53
C SER A 394 -29.73 -31.50 -24.17
N ASP A 395 -29.11 -30.97 -23.11
CA ASP A 395 -29.19 -31.56 -21.78
C ASP A 395 -29.99 -30.74 -20.80
N TYR A 396 -29.82 -29.41 -20.79
CA TYR A 396 -30.50 -28.54 -19.84
C TYR A 396 -31.70 -27.83 -20.44
N ALA A 397 -31.52 -27.15 -21.56
CA ALA A 397 -32.62 -26.42 -22.21
C ALA A 397 -33.59 -27.42 -22.81
N ASP A 398 -34.74 -27.59 -22.15
CA ASP A 398 -35.77 -28.50 -22.63
C ASP A 398 -36.35 -27.94 -23.92
N LEU A 399 -35.98 -28.52 -25.05
CA LEU A 399 -36.40 -28.06 -26.37
C LEU A 399 -37.47 -28.98 -26.94
N SER A 400 -38.04 -28.55 -28.06
CA SER A 400 -39.01 -29.35 -28.77
C SER A 400 -38.36 -30.59 -29.35
N PRO A 401 -39.10 -31.70 -29.47
CA PRO A 401 -38.53 -32.89 -30.12
C PRO A 401 -38.06 -32.62 -31.54
N ASN A 402 -38.72 -31.72 -32.26
CA ASN A 402 -38.22 -31.31 -33.57
C ASN A 402 -36.89 -30.58 -33.45
N GLU A 403 -36.76 -29.74 -32.41
CA GLU A 403 -35.50 -29.02 -32.21
C GLU A 403 -34.35 -29.99 -31.93
N LEU A 404 -34.60 -31.00 -31.10
CA LEU A 404 -33.58 -32.01 -30.85
C LEU A 404 -33.29 -32.81 -32.12
N GLN A 405 -34.32 -33.09 -32.91
CA GLN A 405 -34.11 -33.79 -34.19
C GLN A 405 -33.25 -32.96 -35.13
N ILE A 406 -33.49 -31.66 -35.20
CA ILE A 406 -32.66 -30.78 -36.01
C ILE A 406 -31.24 -30.73 -35.46
N ILE A 407 -31.11 -30.72 -34.13
CA ILE A 407 -29.79 -30.65 -33.51
C ILE A 407 -28.95 -31.86 -33.89
N ASN A 408 -29.54 -33.05 -33.84
CA ASN A 408 -28.77 -34.27 -34.10
C ASN A 408 -28.31 -34.36 -35.55
N ILE A 409 -29.16 -33.95 -36.49
CA ILE A 409 -28.86 -34.17 -37.90
C ILE A 409 -27.91 -33.12 -38.44
N TYR A 410 -28.21 -31.84 -38.20
CA TYR A 410 -27.53 -30.76 -38.89
C TYR A 410 -26.49 -30.04 -38.06
N ILE A 411 -26.59 -30.07 -36.73
CA ILE A 411 -25.70 -29.30 -35.88
C ILE A 411 -24.61 -30.17 -35.25
N TYR A 412 -24.96 -31.40 -34.83
CA TYR A 412 -23.96 -32.27 -34.21
C TYR A 412 -22.82 -32.62 -35.17
N PRO A 413 -23.06 -33.08 -36.41
CA PRO A 413 -21.92 -33.36 -37.28
C PRO A 413 -21.06 -32.15 -37.58
N PHE A 414 -21.67 -30.96 -37.69
CA PHE A 414 -20.88 -29.77 -37.97
C PHE A 414 -20.01 -29.38 -36.78
N ALA A 415 -20.57 -29.41 -35.58
CA ALA A 415 -19.78 -29.10 -34.39
C ALA A 415 -18.68 -30.13 -34.17
N HIS A 416 -18.98 -31.40 -34.43
CA HIS A 416 -17.96 -32.44 -34.34
C HIS A 416 -16.84 -32.21 -35.35
N TRP A 417 -17.19 -31.82 -36.57
CA TRP A 417 -16.18 -31.54 -37.58
C TRP A 417 -15.33 -30.33 -37.19
N LEU A 418 -15.96 -29.29 -36.64
CA LEU A 418 -15.22 -28.09 -36.25
C LEU A 418 -14.21 -28.41 -35.16
N ALA A 419 -14.61 -29.19 -34.16
CA ALA A 419 -13.69 -29.55 -33.08
C ALA A 419 -12.54 -30.39 -33.61
N PHE A 420 -12.83 -31.35 -34.49
CA PHE A 420 -11.76 -32.17 -35.05
C PHE A 420 -10.89 -31.38 -36.02
N GLY A 421 -11.48 -30.43 -36.75
CA GLY A 421 -10.71 -29.60 -37.64
C GLY A 421 -9.80 -28.61 -36.94
N ASN A 422 -10.04 -28.38 -35.65
CA ASN A 422 -9.15 -27.53 -34.86
C ASN A 422 -7.76 -28.12 -34.78
N SER A 423 -7.65 -29.45 -34.81
CA SER A 423 -6.34 -30.10 -34.73
C SER A 423 -5.47 -29.75 -35.93
N SER A 424 -6.08 -29.41 -37.05
CA SER A 424 -5.34 -29.01 -38.24
C SER A 424 -5.13 -27.50 -38.34
N VAL A 425 -5.56 -26.75 -37.33
CA VAL A 425 -5.44 -25.29 -37.37
C VAL A 425 -4.17 -24.81 -36.69
N ASN A 426 -3.79 -25.45 -35.58
CA ASN A 426 -2.61 -25.00 -34.84
C ASN A 426 -1.33 -24.97 -35.67
N PRO A 427 -0.99 -25.98 -36.49
CA PRO A 427 0.21 -25.85 -37.33
C PRO A 427 0.18 -24.66 -38.28
N ILE A 428 -1.00 -24.30 -38.80
CA ILE A 428 -1.10 -23.15 -39.67
C ILE A 428 -0.77 -21.87 -38.90
N ILE A 429 -1.28 -21.74 -37.68
CA ILE A 429 -1.01 -20.57 -36.86
C ILE A 429 0.48 -20.48 -36.56
N TYR A 430 1.10 -21.60 -36.18
CA TYR A 430 2.51 -21.60 -35.84
C TYR A 430 3.37 -21.19 -37.04
N GLY A 431 3.05 -21.73 -38.22
CA GLY A 431 3.84 -21.41 -39.39
C GLY A 431 3.70 -19.96 -39.82
N PHE A 432 2.48 -19.42 -39.74
CA PHE A 432 2.22 -18.07 -40.25
C PHE A 432 2.61 -16.97 -39.26
N PHE A 433 2.89 -17.31 -38.00
CA PHE A 433 3.27 -16.31 -37.00
C PHE A 433 4.74 -16.42 -36.59
N ASN A 434 5.50 -17.30 -37.24
CA ASN A 434 6.93 -17.43 -36.96
C ASN A 434 7.69 -17.56 -38.27
N GLU A 435 8.74 -16.76 -38.42
CA GLU A 435 9.62 -16.92 -39.58
C GLU A 435 10.47 -18.18 -39.44
N ASN A 436 10.75 -18.61 -38.21
CA ASN A 436 11.53 -19.82 -38.00
C ASN A 436 10.80 -21.05 -38.54
N PHE A 437 9.48 -21.14 -38.30
CA PHE A 437 8.72 -22.26 -38.81
C PHE A 437 8.61 -22.20 -40.33
N ARG A 438 8.57 -21.00 -40.91
CA ARG A 438 8.59 -20.88 -42.37
C ARG A 438 9.89 -21.42 -42.95
N ARG A 439 11.01 -21.12 -42.29
CA ARG A 439 12.29 -21.68 -42.72
C ARG A 439 12.29 -23.21 -42.61
N GLY A 440 11.71 -23.73 -41.51
CA GLY A 440 11.59 -25.16 -41.38
C GLY A 440 10.71 -25.79 -42.45
N PHE A 441 9.65 -25.09 -42.84
CA PHE A 441 8.78 -25.58 -43.91
C PHE A 441 9.55 -25.71 -45.22
N GLN A 442 10.33 -24.67 -45.56
CA GLN A 442 11.10 -24.70 -46.80
C GLN A 442 12.18 -25.78 -46.76
N GLU A 443 12.87 -25.91 -45.62
CA GLU A 443 13.93 -26.91 -45.51
C GLU A 443 13.39 -28.32 -45.65
N ALA A 444 12.27 -28.62 -44.98
CA ALA A 444 11.68 -29.95 -45.07
C ALA A 444 11.18 -30.24 -46.49
N PHE A 445 10.52 -29.27 -47.11
CA PHE A 445 10.01 -29.47 -48.47
C PHE A 445 11.15 -29.67 -49.46
N GLN A 446 12.21 -28.87 -49.35
CA GLN A 446 13.34 -29.01 -50.25
C GLN A 446 14.05 -30.35 -50.04
N LEU A 447 14.13 -30.81 -48.78
CA LEU A 447 14.80 -32.07 -48.50
C LEU A 447 14.02 -33.25 -49.05
N GLN A 448 12.70 -33.26 -48.85
CA GLN A 448 11.87 -34.38 -49.25
C GLN A 448 11.31 -34.24 -50.67
N LEU A 449 11.53 -33.11 -51.32
CA LEU A 449 11.03 -32.91 -52.68
C LEU A 449 12.03 -32.14 -53.53
N GLU B 4 32.89 -1.22 14.25
CA GLU B 4 31.55 -0.64 14.30
C GLU B 4 31.58 0.86 14.07
N VAL B 5 30.84 1.33 13.08
CA VAL B 5 30.81 2.75 12.74
C VAL B 5 29.95 3.49 13.75
N GLN B 6 30.27 4.77 13.96
CA GLN B 6 29.62 5.56 15.00
C GLN B 6 29.85 7.03 14.71
N LEU B 7 28.76 7.80 14.63
CA LEU B 7 28.82 9.25 14.53
C LEU B 7 28.52 9.82 15.92
N VAL B 8 29.36 10.75 16.37
CA VAL B 8 29.20 11.38 17.68
C VAL B 8 29.20 12.89 17.48
N GLU B 9 28.14 13.55 17.92
CA GLU B 9 28.03 15.00 17.80
C GLU B 9 28.38 15.66 19.13
N SER B 10 28.98 16.85 19.02
CA SER B 10 29.38 17.61 20.20
C SER B 10 29.45 19.09 19.81
N GLY B 11 29.54 19.94 20.83
CA GLY B 11 29.61 21.37 20.65
C GLY B 11 28.28 22.10 20.79
N GLY B 12 27.17 21.37 20.75
CA GLY B 12 25.87 22.02 20.88
C GLY B 12 25.68 22.60 22.27
N GLY B 13 25.30 23.88 22.32
CA GLY B 13 25.10 24.56 23.58
C GLY B 13 24.27 25.81 23.40
N LEU B 14 23.88 26.39 24.54
CA LEU B 14 23.11 27.62 24.52
C LEU B 14 23.96 28.77 24.00
N VAL B 15 23.37 29.57 23.11
CA VAL B 15 24.04 30.73 22.54
C VAL B 15 23.05 31.88 22.43
N GLN B 16 23.58 33.10 22.50
CA GLN B 16 22.77 34.28 22.27
C GLN B 16 22.40 34.39 20.79
N PRO B 17 21.26 34.99 20.46
CA PRO B 17 20.92 35.21 19.05
C PRO B 17 21.96 36.07 18.37
N GLY B 18 22.29 35.70 17.14
CA GLY B 18 23.39 36.36 16.44
C GLY B 18 24.76 35.91 16.87
N GLY B 19 24.86 34.87 17.71
CA GLY B 19 26.13 34.38 18.20
C GLY B 19 26.75 33.38 17.26
N SER B 20 27.75 32.67 17.79
CA SER B 20 28.50 31.70 17.01
C SER B 20 28.59 30.38 17.75
N LEU B 21 28.64 29.30 16.97
CA LEU B 21 28.76 27.95 17.50
C LEU B 21 29.48 27.09 16.49
N ARG B 22 30.04 25.97 16.95
CA ARG B 22 30.76 25.06 16.07
C ARG B 22 30.44 23.64 16.51
N LEU B 23 29.62 22.94 15.72
CA LEU B 23 29.31 21.54 15.98
C LEU B 23 30.38 20.66 15.36
N SER B 24 30.78 19.62 16.11
CA SER B 24 31.77 18.66 15.65
C SER B 24 31.13 17.28 15.57
N CYS B 25 31.33 16.59 14.46
CA CYS B 25 30.84 15.24 14.24
C CYS B 25 32.05 14.32 14.05
N ALA B 26 32.34 13.52 15.08
CA ALA B 26 33.44 12.58 15.05
C ALA B 26 32.94 11.23 14.52
N ALA B 27 33.63 10.70 13.52
CA ALA B 27 33.24 9.47 12.86
C ALA B 27 34.26 8.38 13.18
N SER B 28 33.80 7.31 13.81
CA SER B 28 34.61 6.14 14.09
C SER B 28 34.10 4.94 13.31
N GLY B 29 34.96 3.95 13.16
CA GLY B 29 34.61 2.80 12.34
C GLY B 29 34.95 3.00 10.88
N PHE B 30 34.34 4.00 10.26
CA PHE B 30 34.57 4.30 8.85
C PHE B 30 35.42 5.56 8.71
N ASN B 31 35.90 5.79 7.48
CA ASN B 31 36.66 6.99 7.14
C ASN B 31 35.74 7.98 6.43
N VAL B 32 35.91 9.27 6.76
CA VAL B 32 35.08 10.31 6.15
C VAL B 32 35.39 10.52 4.68
N VAL B 33 36.49 9.97 4.17
CA VAL B 33 36.80 10.09 2.75
C VAL B 33 35.82 9.26 1.93
N ASP B 34 35.42 8.09 2.44
CA ASP B 34 34.58 7.17 1.70
C ASP B 34 33.09 7.47 1.82
N PHE B 35 32.70 8.44 2.64
CA PHE B 35 31.29 8.75 2.84
C PHE B 35 31.10 10.26 2.88
N SER B 36 29.91 10.69 2.49
CA SER B 36 29.51 12.09 2.62
C SER B 36 28.80 12.30 3.95
N LEU B 37 29.14 13.40 4.62
CA LEU B 37 28.60 13.68 5.94
C LEU B 37 27.56 14.79 5.83
N HIS B 38 26.36 14.50 6.32
CA HIS B 38 25.23 15.41 6.23
C HIS B 38 24.83 15.87 7.63
N TRP B 39 24.36 17.11 7.71
CA TRP B 39 23.82 17.67 8.93
C TRP B 39 22.33 17.90 8.73
N VAL B 40 21.53 17.28 9.60
CA VAL B 40 20.08 17.32 9.54
C VAL B 40 19.56 17.75 10.91
N ARG B 41 18.75 18.80 10.95
CA ARG B 41 18.27 19.32 12.22
C ARG B 41 16.78 19.08 12.38
N GLN B 42 16.37 18.89 13.64
CA GLN B 42 14.97 18.70 14.00
C GLN B 42 14.63 19.68 15.10
N ALA B 43 13.70 20.59 14.82
CA ALA B 43 13.27 21.56 15.82
C ALA B 43 12.40 20.88 16.87
N PRO B 44 12.38 21.42 18.09
CA PRO B 44 11.54 20.81 19.14
C PRO B 44 10.07 20.86 18.76
N GLY B 45 9.45 19.68 18.71
CA GLY B 45 8.06 19.57 18.33
C GLY B 45 7.80 19.55 16.84
N LYS B 46 8.83 19.64 16.01
CA LYS B 46 8.70 19.64 14.57
C LYS B 46 9.45 18.45 13.97
N GLY B 47 9.49 18.41 12.63
CA GLY B 47 10.08 17.30 11.92
C GLY B 47 11.51 17.58 11.48
N LEU B 48 12.11 16.54 10.89
CA LEU B 48 13.48 16.63 10.41
C LEU B 48 13.57 17.53 9.20
N GLU B 49 14.67 18.29 9.11
CA GLU B 49 14.96 19.07 7.92
C GLU B 49 16.45 19.03 7.64
N TRP B 50 16.79 18.88 6.36
CA TRP B 50 18.18 18.79 5.94
C TRP B 50 18.83 20.17 6.00
N VAL B 51 20.01 20.23 6.63
CA VAL B 51 20.71 21.49 6.80
C VAL B 51 21.84 21.62 5.78
N ALA B 52 22.75 20.66 5.78
CA ALA B 52 23.93 20.79 4.91
C ALA B 52 24.52 19.41 4.63
N TYR B 53 25.49 19.39 3.71
CA TYR B 53 26.33 18.22 3.56
C TYR B 53 27.68 18.64 3.04
N ILE B 54 28.68 17.78 3.33
CA ILE B 54 30.03 17.90 2.78
C ILE B 54 30.46 16.54 2.25
N SER B 55 31.18 16.57 1.13
CA SER B 55 31.86 15.42 0.56
C SER B 55 33.34 15.79 0.47
N SER B 56 34.14 15.26 1.40
CA SER B 56 35.55 15.60 1.47
C SER B 56 36.37 14.92 0.39
N SER B 57 35.82 13.89 -0.27
CA SER B 57 36.51 13.30 -1.41
C SER B 57 36.65 14.31 -2.54
N SER B 58 35.59 15.08 -2.80
CA SER B 58 35.61 16.14 -3.79
C SER B 58 35.51 17.53 -3.17
N GLY B 59 35.41 17.62 -1.85
CA GLY B 59 35.27 18.91 -1.19
C GLY B 59 34.01 19.65 -1.54
N SER B 60 32.95 18.94 -1.93
CA SER B 60 31.72 19.58 -2.37
C SER B 60 30.80 19.79 -1.18
N THR B 61 30.43 21.05 -0.94
CA THR B 61 29.57 21.42 0.18
C THR B 61 28.28 22.02 -0.35
N SER B 62 27.19 21.77 0.36
CA SER B 62 25.95 22.46 0.05
C SER B 62 25.15 22.67 1.32
N TYR B 63 24.30 23.68 1.31
CA TYR B 63 23.54 24.12 2.48
C TYR B 63 22.08 24.31 2.10
N ALA B 64 21.22 24.24 3.09
CA ALA B 64 19.81 24.55 2.89
C ALA B 64 19.63 26.03 2.62
N ASP B 65 18.55 26.37 1.91
CA ASP B 65 18.29 27.76 1.57
C ASP B 65 18.05 28.61 2.81
N SER B 66 17.65 28.00 3.92
CA SER B 66 17.42 28.74 5.16
C SER B 66 18.72 29.03 5.92
N VAL B 67 19.82 28.36 5.58
CA VAL B 67 21.09 28.55 6.26
C VAL B 67 22.21 28.96 5.32
N LYS B 68 21.91 29.20 4.05
CA LYS B 68 22.93 29.63 3.10
C LYS B 68 23.51 30.98 3.52
N GLY B 69 24.84 31.08 3.48
CA GLY B 69 25.52 32.29 3.89
C GLY B 69 25.66 32.49 5.37
N ARG B 70 25.11 31.58 6.18
CA ARG B 70 25.20 31.66 7.64
C ARG B 70 25.85 30.46 8.29
N PHE B 71 25.77 29.28 7.67
CA PHE B 71 26.45 28.09 8.15
C PHE B 71 27.56 27.73 7.17
N THR B 72 28.67 27.23 7.69
CA THR B 72 29.75 26.73 6.85
C THR B 72 30.16 25.35 7.34
N ILE B 73 30.19 24.38 6.43
CA ILE B 73 30.52 23.00 6.77
C ILE B 73 31.91 22.69 6.23
N SER B 74 32.75 22.15 7.09
CA SER B 74 34.09 21.70 6.73
C SER B 74 34.26 20.26 7.18
N ALA B 75 35.30 19.61 6.66
CA ALA B 75 35.61 18.24 7.02
C ALA B 75 37.11 18.07 7.09
N ASP B 76 37.62 17.71 8.27
CA ASP B 76 39.03 17.46 8.47
C ASP B 76 39.23 15.95 8.57
N THR B 77 39.88 15.37 7.55
CA THR B 77 40.06 13.93 7.48
C THR B 77 41.23 13.42 8.31
N SER B 78 42.12 14.30 8.75
CA SER B 78 43.20 13.88 9.64
C SER B 78 42.65 13.39 10.97
N LYS B 79 41.72 14.15 11.55
CA LYS B 79 41.00 13.73 12.75
C LYS B 79 39.74 12.94 12.45
N ASN B 80 39.40 12.78 11.17
CA ASN B 80 38.24 12.01 10.74
C ASN B 80 36.93 12.60 11.25
N THR B 81 36.84 13.93 11.24
CA THR B 81 35.66 14.62 11.76
C THR B 81 35.15 15.64 10.76
N ALA B 82 33.92 16.08 11.01
CA ALA B 82 33.30 17.18 10.27
C ALA B 82 32.92 18.29 11.25
N TYR B 83 32.82 19.50 10.72
CA TYR B 83 32.47 20.66 11.52
C TYR B 83 31.39 21.46 10.81
N LEU B 84 30.46 21.99 11.59
CA LEU B 84 29.42 22.89 11.10
C LEU B 84 29.51 24.16 11.95
N GLN B 85 30.07 25.22 11.37
CA GLN B 85 30.18 26.50 12.04
C GLN B 85 28.92 27.31 11.74
N MET B 86 28.15 27.60 12.79
CA MET B 86 26.88 28.29 12.70
C MET B 86 27.05 29.65 13.36
N ASN B 87 27.13 30.71 12.54
CA ASN B 87 27.23 32.06 13.05
C ASN B 87 26.08 32.90 12.52
N SER B 88 25.85 34.04 13.18
CA SER B 88 24.63 34.83 12.98
C SER B 88 23.40 33.99 13.25
N LEU B 89 23.43 33.25 14.36
CA LEU B 89 22.37 32.32 14.69
C LEU B 89 21.09 33.06 15.07
N ARG B 90 19.97 32.60 14.53
CA ARG B 90 18.66 33.18 14.80
C ARG B 90 17.90 32.31 15.81
N ALA B 91 16.76 32.84 16.25
CA ALA B 91 15.98 32.15 17.28
C ALA B 91 15.33 30.86 16.77
N GLU B 92 15.16 30.72 15.45
CA GLU B 92 14.56 29.51 14.90
C GLU B 92 15.60 28.46 14.55
N ASP B 93 16.87 28.70 14.85
CA ASP B 93 17.92 27.70 14.65
C ASP B 93 18.06 26.75 15.82
N THR B 94 17.34 26.98 16.91
CA THR B 94 17.38 26.05 18.05
C THR B 94 16.73 24.73 17.66
N ALA B 95 17.48 23.64 17.83
CA ALA B 95 17.05 22.33 17.35
C ALA B 95 18.09 21.30 17.78
N VAL B 96 17.77 20.03 17.55
CA VAL B 96 18.71 18.94 17.73
C VAL B 96 19.30 18.61 16.37
N TYR B 97 20.63 18.72 16.26
CA TYR B 97 21.35 18.49 15.03
C TYR B 97 21.95 17.10 15.04
N TYR B 98 21.74 16.37 13.94
CA TYR B 98 22.26 15.03 13.76
C TYR B 98 23.25 15.03 12.60
N CYS B 99 24.35 14.33 12.78
CA CYS B 99 25.32 14.09 11.73
C CYS B 99 25.10 12.68 11.19
N ALA B 100 24.84 12.59 9.90
CA ALA B 100 24.50 11.33 9.26
C ALA B 100 25.47 11.04 8.12
N ARG B 101 25.46 9.78 7.68
CA ARG B 101 26.44 9.25 6.75
C ARG B 101 25.72 8.72 5.51
N TRP B 102 26.06 9.28 4.35
CA TRP B 102 25.47 8.86 3.08
C TRP B 102 26.60 8.52 2.12
N GLY B 103 26.60 7.30 1.61
CA GLY B 103 27.70 6.82 0.79
C GLY B 103 27.76 7.50 -0.57
N TYR B 104 28.72 7.07 -1.37
CA TYR B 104 28.94 7.63 -2.70
C TYR B 104 28.40 6.72 -3.80
N TRP B 105 27.94 7.36 -4.86
CA TRP B 105 27.48 6.64 -6.05
C TRP B 105 28.66 5.94 -6.72
N PRO B 106 28.44 4.77 -7.36
CA PRO B 106 27.19 4.03 -7.49
C PRO B 106 26.95 3.01 -6.39
N GLY B 107 26.00 2.13 -6.64
CA GLY B 107 25.83 0.96 -5.82
C GLY B 107 25.16 1.23 -4.48
N GLU B 108 25.14 0.18 -3.67
CA GLU B 108 24.44 0.19 -2.39
C GLU B 108 24.79 1.36 -1.48
N PRO B 109 26.05 1.76 -1.31
CA PRO B 109 26.34 2.87 -0.38
C PRO B 109 25.54 4.13 -0.66
N TRP B 110 25.30 4.45 -1.94
CA TRP B 110 24.46 5.61 -2.24
C TRP B 110 22.99 5.30 -2.00
N TRP B 111 22.55 4.09 -2.35
CA TRP B 111 21.15 3.73 -2.21
C TRP B 111 20.74 3.56 -0.76
N LYS B 112 21.69 3.31 0.14
CA LYS B 112 21.43 3.32 1.58
C LYS B 112 21.66 4.75 2.05
N ALA B 113 20.58 5.53 2.15
CA ALA B 113 20.68 6.91 2.54
C ALA B 113 20.51 7.05 4.04
N PHE B 114 21.48 7.70 4.69
CA PHE B 114 21.39 8.03 6.11
C PHE B 114 21.20 6.78 6.96
N ASP B 115 21.94 5.72 6.61
CA ASP B 115 21.83 4.46 7.33
C ASP B 115 22.31 4.60 8.77
N TYR B 116 23.37 5.37 9.00
CA TYR B 116 23.88 5.63 10.33
C TYR B 116 23.76 7.11 10.64
N TRP B 117 23.11 7.42 11.76
CA TRP B 117 23.03 8.76 12.31
C TRP B 117 23.86 8.85 13.59
N GLY B 118 24.07 10.08 14.05
CA GLY B 118 24.62 10.29 15.36
C GLY B 118 23.54 10.41 16.41
N GLN B 119 23.96 10.57 17.66
CA GLN B 119 23.00 10.71 18.74
C GLN B 119 22.34 12.08 18.74
N GLY B 120 22.93 13.07 18.08
CA GLY B 120 22.34 14.39 17.98
C GLY B 120 22.67 15.28 19.16
N THR B 121 23.11 16.51 18.88
CA THR B 121 23.40 17.49 19.90
C THR B 121 22.44 18.66 19.78
N LEU B 122 21.95 19.15 20.92
CA LEU B 122 20.92 20.18 20.94
C LEU B 122 21.55 21.55 21.08
N VAL B 123 21.17 22.48 20.21
CA VAL B 123 21.58 23.88 20.30
C VAL B 123 20.33 24.71 20.59
N THR B 124 20.49 25.67 21.49
CA THR B 124 19.41 26.57 21.89
C THR B 124 19.87 28.01 21.68
N VAL B 125 19.12 28.76 20.89
CA VAL B 125 19.47 30.14 20.56
C VAL B 125 18.44 31.03 21.23
N SER B 126 18.83 31.66 22.34
CA SER B 126 17.94 32.57 23.04
C SER B 126 18.76 33.58 23.81
N SER B 127 18.18 34.76 24.01
CA SER B 127 18.82 35.83 24.77
C SER B 127 18.45 35.81 26.24
N ALA B 128 17.66 34.83 26.68
CA ALA B 128 17.28 34.75 28.08
C ALA B 128 18.47 34.36 28.95
N SER B 129 18.41 34.76 30.22
CA SER B 129 19.45 34.45 31.18
C SER B 129 18.98 33.35 32.13
N THR B 130 19.95 32.72 32.78
CA THR B 130 19.66 31.63 33.71
C THR B 130 19.02 32.19 34.97
N LYS B 131 17.75 31.86 35.20
CA LYS B 131 17.04 32.31 36.38
C LYS B 131 16.20 31.16 36.93
N GLY B 132 16.04 31.14 38.24
CA GLY B 132 15.29 30.10 38.90
C GLY B 132 13.80 30.24 38.69
N PRO B 133 13.06 29.15 38.90
CA PRO B 133 11.62 29.18 38.70
C PRO B 133 10.89 29.79 39.89
N SER B 134 9.61 30.09 39.66
CA SER B 134 8.70 30.58 40.70
C SER B 134 7.56 29.59 40.80
N VAL B 135 7.59 28.74 41.83
CA VAL B 135 6.59 27.70 41.99
C VAL B 135 5.38 28.26 42.71
N PHE B 136 4.20 28.05 42.14
CA PHE B 136 2.94 28.55 42.66
C PHE B 136 1.96 27.41 42.84
N PRO B 137 1.18 27.41 43.91
CA PRO B 137 0.23 26.31 44.13
C PRO B 137 -0.98 26.43 43.21
N LEU B 138 -1.65 25.29 43.01
CA LEU B 138 -2.91 25.20 42.29
C LEU B 138 -3.91 24.54 43.23
N ALA B 139 -4.58 25.36 44.03
CA ALA B 139 -5.48 24.84 45.04
C ALA B 139 -6.67 24.14 44.39
N PRO B 140 -7.09 22.99 44.92
CA PRO B 140 -8.23 22.22 44.40
C PRO B 140 -9.57 22.79 44.83
N GLY B 148 -15.61 12.54 44.33
CA GLY B 148 -14.77 11.42 43.94
C GLY B 148 -13.29 11.72 44.05
N THR B 149 -12.74 12.31 43.00
CA THR B 149 -11.34 12.70 42.97
C THR B 149 -11.22 14.16 42.57
N ALA B 150 -10.13 14.79 43.00
CA ALA B 150 -9.85 16.18 42.71
C ALA B 150 -8.42 16.34 42.20
N ALA B 151 -8.24 17.29 41.30
CA ALA B 151 -6.93 17.62 40.76
C ALA B 151 -6.24 18.63 41.66
N LEU B 152 -4.91 18.57 41.68
CA LEU B 152 -4.12 19.39 42.58
C LEU B 152 -2.69 19.40 42.08
N GLY B 153 -2.12 20.60 41.92
CA GLY B 153 -0.80 20.65 41.33
C GLY B 153 -0.06 21.94 41.67
N CYS B 154 1.05 22.15 40.98
CA CYS B 154 1.76 23.41 41.08
C CYS B 154 2.33 23.81 39.73
N LEU B 155 2.39 25.13 39.53
CA LEU B 155 2.86 25.74 38.30
C LEU B 155 4.29 26.23 38.52
N VAL B 156 5.21 25.78 37.68
CA VAL B 156 6.62 26.11 37.75
C VAL B 156 6.92 26.97 36.53
N LYS B 157 7.01 28.28 36.72
CA LYS B 157 7.10 29.19 35.59
C LYS B 157 8.28 30.14 35.76
N ASP B 158 8.66 30.76 34.64
CA ASP B 158 9.68 31.81 34.62
C ASP B 158 11.05 31.26 35.04
N TYR B 159 11.49 30.25 34.33
CA TYR B 159 12.79 29.63 34.57
C TYR B 159 13.52 29.41 33.25
N PHE B 160 14.84 29.34 33.34
CA PHE B 160 15.68 29.09 32.18
C PHE B 160 17.02 28.55 32.67
N PRO B 161 17.62 27.57 31.99
CA PRO B 161 17.17 26.91 30.76
C PRO B 161 16.10 25.83 30.96
N GLU B 162 15.93 25.00 29.94
CA GLU B 162 14.79 24.09 29.88
C GLU B 162 14.74 23.07 31.02
N PRO B 163 15.80 22.32 31.34
CA PRO B 163 15.66 21.20 32.29
C PRO B 163 15.17 21.65 33.66
N VAL B 164 14.21 20.90 34.19
CA VAL B 164 13.69 21.12 35.54
C VAL B 164 12.95 19.85 35.94
N THR B 165 13.09 19.46 37.20
CA THR B 165 12.46 18.23 37.68
C THR B 165 11.47 18.56 38.78
N VAL B 166 10.30 17.92 38.72
CA VAL B 166 9.24 18.10 39.70
C VAL B 166 8.82 16.74 40.22
N SER B 167 8.83 16.58 41.54
CA SER B 167 8.39 15.34 42.18
C SER B 167 7.34 15.69 43.23
N TRP B 168 6.61 14.68 43.68
CA TRP B 168 5.55 14.87 44.66
C TRP B 168 5.82 13.99 45.87
N ASN B 169 5.82 14.60 47.06
CA ASN B 169 6.09 13.90 48.32
C ASN B 169 7.44 13.19 48.27
N SER B 170 8.44 13.85 47.70
CA SER B 170 9.80 13.32 47.57
C SER B 170 9.81 11.98 46.83
N GLY B 171 8.97 11.88 45.80
CA GLY B 171 8.88 10.68 45.01
C GLY B 171 7.94 9.63 45.53
N ALA B 172 7.36 9.82 46.72
CA ALA B 172 6.40 8.87 47.24
C ALA B 172 5.11 8.84 46.43
N LEU B 173 4.72 9.99 45.89
CA LEU B 173 3.50 10.11 45.09
C LEU B 173 3.88 10.05 43.61
N THR B 174 3.52 8.94 42.95
CA THR B 174 3.74 8.79 41.53
C THR B 174 2.49 8.39 40.75
N SER B 175 1.39 8.08 41.43
CA SER B 175 0.16 7.68 40.77
C SER B 175 -0.70 8.89 40.47
N GLY B 176 -1.11 9.04 39.21
CA GLY B 176 -1.91 10.16 38.80
C GLY B 176 -1.14 11.44 38.54
N VAL B 177 0.19 11.41 38.64
CA VAL B 177 1.00 12.60 38.45
C VAL B 177 1.26 12.80 36.97
N HIS B 178 0.92 13.98 36.47
CA HIS B 178 1.19 14.39 35.10
C HIS B 178 2.02 15.65 35.12
N THR B 179 3.22 15.58 34.57
CA THR B 179 4.11 16.74 34.43
C THR B 179 4.13 17.11 32.96
N PHE B 180 3.51 18.23 32.62
CA PHE B 180 3.35 18.61 31.24
C PHE B 180 4.67 19.16 30.67
N PRO B 181 4.91 18.97 29.38
CA PRO B 181 6.13 19.50 28.77
C PRO B 181 6.19 21.02 28.89
N ALA B 182 7.40 21.52 29.10
CA ALA B 182 7.59 22.95 29.21
C ALA B 182 7.26 23.63 27.89
N VAL B 183 6.63 24.80 27.97
CA VAL B 183 6.25 25.58 26.80
C VAL B 183 7.00 26.91 26.85
N LEU B 184 7.60 27.29 25.73
CA LEU B 184 8.41 28.49 25.67
C LEU B 184 7.51 29.72 25.66
N GLN B 185 7.66 30.57 26.67
CA GLN B 185 6.83 31.77 26.77
C GLN B 185 7.29 32.82 25.77
N SER B 186 6.49 33.88 25.66
CA SER B 186 6.83 34.99 24.78
C SER B 186 8.03 35.78 25.27
N SER B 187 8.39 35.65 26.54
CA SER B 187 9.53 36.35 27.12
C SER B 187 10.81 35.54 27.07
N GLY B 188 10.79 34.34 26.50
CA GLY B 188 11.96 33.50 26.42
C GLY B 188 12.13 32.54 27.58
N LEU B 189 11.31 32.64 28.62
CA LEU B 189 11.37 31.75 29.76
C LEU B 189 10.57 30.50 29.46
N TYR B 190 10.40 29.62 30.46
CA TYR B 190 9.65 28.39 30.30
C TYR B 190 8.63 28.26 31.41
N SER B 191 7.53 27.58 31.09
CA SER B 191 6.48 27.30 32.06
C SER B 191 6.12 25.82 32.00
N LEU B 192 5.75 25.29 33.16
CA LEU B 192 5.44 23.88 33.32
C LEU B 192 4.37 23.74 34.39
N SER B 193 3.59 22.68 34.30
CA SER B 193 2.59 22.37 35.32
C SER B 193 2.75 20.92 35.73
N SER B 194 2.70 20.66 37.03
CA SER B 194 2.72 19.31 37.56
C SER B 194 1.46 19.10 38.38
N VAL B 195 0.57 18.24 37.90
CA VAL B 195 -0.71 18.01 38.56
C VAL B 195 -0.78 16.56 39.01
N VAL B 196 -1.72 16.28 39.90
CA VAL B 196 -1.99 14.94 40.37
C VAL B 196 -3.45 14.86 40.78
N THR B 197 -4.08 13.73 40.48
CA THR B 197 -5.48 13.49 40.81
C THR B 197 -5.53 12.59 42.04
N VAL B 198 -6.11 13.09 43.13
CA VAL B 198 -6.13 12.37 44.39
C VAL B 198 -7.55 12.31 44.92
N PRO B 199 -7.91 11.30 45.73
CA PRO B 199 -9.27 11.22 46.25
C PRO B 199 -9.61 12.43 47.12
N SER B 200 -10.90 12.80 47.08
CA SER B 200 -11.35 14.00 47.78
C SER B 200 -11.16 13.88 49.29
N SER B 201 -11.17 12.66 49.82
CA SER B 201 -10.95 12.48 51.26
C SER B 201 -9.55 12.89 51.66
N SER B 202 -8.56 12.63 50.80
CA SER B 202 -7.18 12.97 51.10
C SER B 202 -6.92 14.47 51.11
N LEU B 203 -7.82 15.26 50.50
CA LEU B 203 -7.63 16.70 50.46
C LEU B 203 -7.66 17.31 51.86
N GLY B 204 -8.58 16.84 52.71
CA GLY B 204 -8.72 17.42 54.02
C GLY B 204 -7.65 17.01 55.01
N THR B 205 -7.04 15.84 54.81
CA THR B 205 -6.11 15.29 55.79
C THR B 205 -4.67 15.27 55.29
N GLN B 206 -4.41 14.63 54.15
CA GLN B 206 -3.04 14.46 53.69
C GLN B 206 -2.49 15.77 53.12
N THR B 207 -1.25 16.08 53.47
CA THR B 207 -0.57 17.26 52.95
C THR B 207 0.24 16.88 51.72
N TYR B 208 0.09 17.67 50.65
CA TYR B 208 0.76 17.42 49.39
C TYR B 208 1.79 18.51 49.15
N ILE B 209 3.01 18.10 48.78
CA ILE B 209 4.11 19.01 48.51
C ILE B 209 4.75 18.62 47.18
N CYS B 210 4.94 19.61 46.30
CA CYS B 210 5.68 19.39 45.07
C CYS B 210 7.07 19.98 45.24
N ASN B 211 8.09 19.15 45.04
CA ASN B 211 9.48 19.56 45.14
C ASN B 211 10.01 19.80 43.73
N VAL B 212 10.48 21.02 43.49
CA VAL B 212 10.95 21.45 42.17
C VAL B 212 12.43 21.74 42.28
N ASN B 213 13.23 21.08 41.45
CA ASN B 213 14.67 21.26 41.42
C ASN B 213 15.07 21.76 40.04
N HIS B 214 15.85 22.84 40.02
CA HIS B 214 16.40 23.45 38.81
C HIS B 214 17.92 23.46 38.97
N LYS B 215 18.58 22.46 38.40
CA LYS B 215 20.03 22.35 38.55
C LYS B 215 20.82 23.54 38.02
N PRO B 216 20.52 24.09 36.82
CA PRO B 216 21.33 25.23 36.34
C PRO B 216 21.31 26.44 37.26
N SER B 217 20.23 26.67 37.98
CA SER B 217 20.14 27.78 38.92
C SER B 217 20.34 27.36 40.36
N ASN B 218 20.51 26.06 40.62
CA ASN B 218 20.82 25.53 41.95
C ASN B 218 19.77 25.95 42.98
N THR B 219 18.51 25.66 42.69
CA THR B 219 17.41 25.91 43.61
C THR B 219 16.61 24.64 43.82
N LYS B 220 16.13 24.44 45.04
CA LYS B 220 15.39 23.25 45.43
C LYS B 220 14.14 23.64 46.22
N VAL B 221 13.39 24.61 45.69
CA VAL B 221 12.18 25.07 46.36
C VAL B 221 11.13 23.97 46.34
N ASP B 222 10.53 23.72 47.50
CA ASP B 222 9.43 22.76 47.64
C ASP B 222 8.21 23.48 48.16
N LYS B 223 7.12 23.44 47.40
CA LYS B 223 5.91 24.19 47.70
C LYS B 223 4.80 23.23 48.09
N LYS B 224 4.15 23.51 49.22
CA LYS B 224 3.03 22.71 49.67
C LYS B 224 1.72 23.32 49.19
N VAL B 225 0.81 22.46 48.76
CA VAL B 225 -0.47 22.87 48.19
C VAL B 225 -1.59 22.46 49.14
N GLU B 226 -2.52 23.38 49.37
CA GLU B 226 -3.59 23.17 50.33
C GLU B 226 -4.94 23.49 49.68
N PRO B 227 -6.02 22.85 50.14
CA PRO B 227 -7.34 23.16 49.61
C PRO B 227 -7.86 24.49 50.17
N LYS B 228 -8.92 24.98 49.54
CA LYS B 228 -9.56 26.21 49.97
C LYS B 228 -10.96 25.96 50.52
N GLN C 3 -29.07 25.24 8.74
CA GLN C 3 -29.90 24.97 7.56
C GLN C 3 -29.70 23.55 7.06
N VAL C 4 -29.00 22.74 7.85
CA VAL C 4 -28.70 21.36 7.51
C VAL C 4 -29.29 20.45 8.58
N GLN C 5 -30.10 19.49 8.14
CA GLN C 5 -30.70 18.50 9.04
C GLN C 5 -30.26 17.11 8.64
N LEU C 6 -30.49 16.15 9.54
CA LEU C 6 -30.03 14.79 9.34
C LEU C 6 -30.99 13.84 10.04
N GLN C 7 -31.43 12.81 9.32
CA GLN C 7 -32.47 11.91 9.78
C GLN C 7 -31.93 10.52 10.03
N GLU C 8 -32.47 9.86 11.05
CA GLU C 8 -31.99 8.56 11.51
C GLU C 8 -33.09 7.53 11.39
N SER C 9 -32.71 6.29 11.06
CA SER C 9 -33.65 5.20 10.89
C SER C 9 -33.25 4.02 11.77
N GLY C 10 -33.91 2.88 11.60
CA GLY C 10 -33.66 1.73 12.42
C GLY C 10 -34.34 1.82 13.76
N GLY C 11 -34.06 0.84 14.61
CA GLY C 11 -34.63 0.77 15.93
C GLY C 11 -35.85 -0.13 15.99
N GLY C 12 -36.34 -0.32 17.20
CA GLY C 12 -37.49 -1.14 17.45
C GLY C 12 -37.26 -2.03 18.65
N LEU C 13 -38.10 -3.06 18.78
CA LEU C 13 -38.04 -4.00 19.88
C LEU C 13 -37.26 -5.24 19.44
N VAL C 14 -36.16 -5.51 20.12
CA VAL C 14 -35.26 -6.60 19.76
C VAL C 14 -34.94 -7.42 21.01
N GLN C 15 -34.98 -8.74 20.88
CA GLN C 15 -34.65 -9.61 21.98
C GLN C 15 -33.17 -9.50 22.32
N PRO C 16 -32.78 -9.85 23.56
CA PRO C 16 -31.36 -9.80 23.93
C PRO C 16 -30.52 -10.68 23.01
N GLY C 17 -29.33 -10.18 22.68
CA GLY C 17 -28.47 -10.84 21.73
C GLY C 17 -28.78 -10.55 20.28
N GLY C 18 -29.78 -9.72 20.00
CA GLY C 18 -30.16 -9.42 18.63
C GLY C 18 -29.22 -8.44 17.97
N SER C 19 -29.60 -7.94 16.79
CA SER C 19 -28.71 -7.12 15.98
C SER C 19 -29.53 -6.06 15.26
N LEU C 20 -29.04 -4.82 15.27
CA LEU C 20 -29.70 -3.71 14.61
C LEU C 20 -28.68 -2.92 13.81
N ARG C 21 -29.10 -2.43 12.64
CA ARG C 21 -28.28 -1.56 11.80
C ARG C 21 -28.97 -0.21 11.70
N LEU C 22 -28.65 0.68 12.65
CA LEU C 22 -29.11 2.05 12.56
C LEU C 22 -28.37 2.78 11.44
N SER C 23 -28.96 3.87 10.96
CA SER C 23 -28.38 4.60 9.84
C SER C 23 -28.88 6.04 9.87
N CYS C 24 -27.95 6.99 9.87
CA CYS C 24 -28.27 8.40 9.80
C CYS C 24 -27.76 8.98 8.48
N ALA C 25 -28.66 9.62 7.73
CA ALA C 25 -28.33 10.29 6.48
C ALA C 25 -28.60 11.78 6.65
N ALA C 26 -27.63 12.60 6.26
CA ALA C 26 -27.72 14.04 6.41
C ALA C 26 -28.09 14.67 5.07
N SER C 27 -29.14 15.48 5.07
CA SER C 27 -29.63 16.13 3.85
C SER C 27 -29.31 17.61 3.90
N GLY C 28 -28.64 18.10 2.85
CA GLY C 28 -28.31 19.50 2.72
C GLY C 28 -26.84 19.82 2.79
N ARG C 29 -25.98 18.86 3.15
CA ARG C 29 -24.55 19.12 3.22
C ARG C 29 -23.79 17.82 2.99
N THR C 30 -22.53 17.97 2.56
CA THR C 30 -21.65 16.83 2.36
C THR C 30 -21.12 16.32 3.69
N ILE C 31 -20.78 15.04 3.73
CA ILE C 31 -20.34 14.38 4.95
C ILE C 31 -18.91 13.87 4.88
N SER C 32 -18.36 13.64 3.68
CA SER C 32 -17.05 13.01 3.56
C SER C 32 -15.94 13.83 4.20
N ARG C 33 -16.14 15.12 4.42
CA ARG C 33 -15.13 15.97 5.02
C ARG C 33 -15.25 16.08 6.53
N TYR C 34 -16.26 15.47 7.13
CA TYR C 34 -16.55 15.63 8.55
C TYR C 34 -16.45 14.27 9.25
N ALA C 35 -16.80 14.26 10.54
CA ALA C 35 -16.83 13.06 11.35
C ALA C 35 -18.23 12.87 11.91
N MET C 36 -18.76 11.66 11.79
CA MET C 36 -20.12 11.36 12.20
C MET C 36 -20.11 10.49 13.44
N SER C 37 -20.72 10.99 14.51
CA SER C 37 -20.72 10.32 15.80
C SER C 37 -22.12 9.84 16.15
N TRP C 38 -22.17 8.85 17.03
CA TRP C 38 -23.41 8.27 17.52
C TRP C 38 -23.41 8.39 19.04
N PHE C 39 -24.51 8.90 19.59
CA PHE C 39 -24.71 9.10 21.01
C PHE C 39 -25.96 8.36 21.47
N ARG C 40 -26.01 8.04 22.75
CA ARG C 40 -27.12 7.31 23.35
C ARG C 40 -27.67 8.08 24.54
N GLN C 41 -28.99 8.14 24.64
CA GLN C 41 -29.66 8.74 25.79
C GLN C 41 -30.63 7.71 26.36
N ALA C 42 -30.33 7.23 27.56
CA ALA C 42 -31.19 6.30 28.26
C ALA C 42 -32.04 7.04 29.28
N PRO C 43 -33.18 6.46 29.67
CA PRO C 43 -34.01 7.10 30.70
C PRO C 43 -33.22 7.33 31.98
N GLY C 44 -33.04 8.60 32.33
CA GLY C 44 -32.23 8.98 33.47
C GLY C 44 -30.76 9.10 33.20
N LYS C 45 -30.32 8.97 31.94
CA LYS C 45 -28.93 9.10 31.58
C LYS C 45 -28.74 10.29 30.64
N GLU C 46 -27.57 10.92 30.74
CA GLU C 46 -27.32 12.19 30.06
C GLU C 46 -26.47 11.96 28.81
N ARG C 47 -27.14 11.57 27.72
CA ARG C 47 -26.60 11.63 26.36
C ARG C 47 -25.20 11.00 26.29
N GLU C 48 -25.17 9.70 26.53
CA GLU C 48 -23.90 8.98 26.55
C GLU C 48 -23.34 8.81 25.15
N PHE C 49 -22.04 9.00 25.00
CA PHE C 49 -21.36 8.77 23.74
C PHE C 49 -21.31 7.29 23.41
N VAL C 50 -21.56 6.95 22.14
CA VAL C 50 -21.52 5.57 21.68
C VAL C 50 -20.30 5.32 20.79
N ALA C 51 -20.19 6.05 19.68
CA ALA C 51 -19.11 5.78 18.73
C ALA C 51 -18.91 6.99 17.84
N VAL C 52 -17.91 6.91 16.97
CA VAL C 52 -17.63 7.97 16.02
C VAL C 52 -16.83 7.39 14.87
N ALA C 53 -17.22 7.76 13.65
CA ALA C 53 -16.48 7.47 12.44
C ALA C 53 -15.86 8.75 11.93
N ARG C 54 -14.54 8.78 11.87
CA ARG C 54 -13.82 9.93 11.33
C ARG C 54 -13.86 9.84 9.80
N ARG C 55 -13.10 10.69 9.12
CA ARG C 55 -13.07 10.66 7.67
C ARG C 55 -12.42 9.38 7.18
N SER C 56 -12.67 9.06 5.91
CA SER C 56 -12.08 7.87 5.31
C SER C 56 -10.56 7.96 5.36
N GLY C 57 -9.92 6.85 5.73
CA GLY C 57 -8.51 6.83 6.01
C GLY C 57 -8.16 7.03 7.47
N ASP C 58 -9.10 7.55 8.27
CA ASP C 58 -8.94 7.68 9.70
C ASP C 58 -9.79 6.63 10.40
N GLY C 59 -9.41 6.30 11.63
CA GLY C 59 -10.05 5.20 12.33
C GLY C 59 -11.45 5.55 12.81
N ALA C 60 -12.11 4.52 13.33
CA ALA C 60 -13.41 4.65 13.97
C ALA C 60 -13.27 4.26 15.43
N PHE C 61 -13.73 5.12 16.32
CA PHE C 61 -13.53 4.94 17.75
C PHE C 61 -14.86 4.64 18.43
N TYR C 62 -14.77 3.91 19.54
CA TYR C 62 -15.96 3.40 20.21
C TYR C 62 -15.82 3.61 21.72
N ALA C 63 -16.97 3.71 22.39
CA ALA C 63 -16.97 3.71 23.84
C ALA C 63 -16.72 2.29 24.36
N ASP C 64 -16.24 2.20 25.60
CA ASP C 64 -15.89 0.90 26.15
C ASP C 64 -17.11 0.01 26.32
N SER C 65 -18.29 0.60 26.49
CA SER C 65 -19.51 -0.19 26.62
C SER C 65 -19.85 -0.92 25.33
N VAL C 66 -19.66 -0.26 24.19
CA VAL C 66 -20.01 -0.82 22.90
C VAL C 66 -18.80 -1.32 22.12
N GLN C 67 -17.61 -1.27 22.72
CA GLN C 67 -16.42 -1.71 22.02
C GLN C 67 -16.44 -3.22 21.81
N GLY C 68 -16.24 -3.65 20.57
CA GLY C 68 -16.26 -5.05 20.22
C GLY C 68 -17.60 -5.57 19.74
N ARG C 69 -18.69 -4.85 20.01
CA ARG C 69 -20.02 -5.25 19.58
C ARG C 69 -20.60 -4.36 18.49
N PHE C 70 -20.45 -3.05 18.59
CA PHE C 70 -20.97 -2.13 17.59
C PHE C 70 -19.88 -1.82 16.57
N THR C 71 -20.32 -1.50 15.35
CA THR C 71 -19.41 -1.14 14.26
C THR C 71 -20.03 -0.02 13.46
N VAL C 72 -19.29 1.08 13.30
CA VAL C 72 -19.80 2.25 12.61
C VAL C 72 -19.18 2.29 11.23
N SER C 73 -20.00 2.12 10.21
CA SER C 73 -19.59 2.21 8.81
C SER C 73 -19.99 3.55 8.23
N ARG C 74 -19.37 3.91 7.11
CA ARG C 74 -19.54 5.24 6.53
C ARG C 74 -19.58 5.11 5.02
N ASP C 75 -20.73 5.44 4.41
CA ASP C 75 -20.89 5.42 2.96
C ASP C 75 -21.12 6.86 2.51
N ASP C 76 -20.14 7.44 1.84
CA ASP C 76 -20.21 8.82 1.40
C ASP C 76 -20.93 8.99 0.07
N ALA C 77 -21.20 7.90 -0.65
CA ALA C 77 -21.98 8.00 -1.87
C ALA C 77 -23.40 8.49 -1.58
N LYS C 78 -24.02 7.97 -0.52
CA LYS C 78 -25.34 8.40 -0.11
C LYS C 78 -25.31 9.41 1.04
N ASN C 79 -24.11 9.83 1.46
CA ASN C 79 -23.94 10.71 2.61
C ASN C 79 -24.64 10.14 3.85
N THR C 80 -24.26 8.91 4.19
CA THR C 80 -24.89 8.20 5.28
C THR C 80 -23.84 7.48 6.11
N VAL C 81 -24.17 7.24 7.38
CA VAL C 81 -23.33 6.48 8.29
C VAL C 81 -24.22 5.46 9.00
N TYR C 82 -23.72 4.24 9.12
CA TYR C 82 -24.46 3.14 9.71
C TYR C 82 -23.85 2.76 11.05
N LEU C 83 -24.70 2.38 11.99
CA LEU C 83 -24.29 1.86 13.29
C LEU C 83 -24.82 0.43 13.39
N GLN C 84 -24.02 -0.52 12.92
CA GLN C 84 -24.37 -1.93 13.03
C GLN C 84 -24.17 -2.37 14.47
N MET C 85 -25.26 -2.66 15.16
CA MET C 85 -25.24 -3.10 16.54
C MET C 85 -25.45 -4.60 16.59
N ASN C 86 -24.56 -5.31 17.28
CA ASN C 86 -24.64 -6.75 17.41
C ASN C 86 -24.63 -7.12 18.89
N SER C 87 -25.26 -8.25 19.19
CA SER C 87 -25.36 -8.76 20.56
C SER C 87 -25.97 -7.71 21.49
N LEU C 88 -27.15 -7.23 21.12
CA LEU C 88 -27.84 -6.17 21.86
C LEU C 88 -28.28 -6.69 23.22
N LYS C 89 -27.58 -6.26 24.26
CA LYS C 89 -27.99 -6.54 25.62
C LYS C 89 -29.11 -5.61 26.04
N PRO C 90 -29.86 -5.96 27.09
CA PRO C 90 -30.96 -5.08 27.53
C PRO C 90 -30.50 -3.73 28.05
N GLU C 91 -29.20 -3.52 28.23
CA GLU C 91 -28.68 -2.23 28.66
C GLU C 91 -28.55 -1.22 27.52
N ASP C 92 -28.82 -1.63 26.28
CA ASP C 92 -28.74 -0.75 25.13
C ASP C 92 -30.08 -0.08 24.81
N THR C 93 -31.10 -0.30 25.63
CA THR C 93 -32.39 0.35 25.45
C THR C 93 -32.26 1.84 25.68
N ALA C 94 -32.33 2.62 24.61
CA ALA C 94 -32.13 4.07 24.69
C ALA C 94 -32.51 4.69 23.36
N VAL C 95 -32.57 6.02 23.34
CA VAL C 95 -32.75 6.78 22.12
C VAL C 95 -31.38 7.09 21.54
N TYR C 96 -31.17 6.72 20.29
CA TYR C 96 -29.89 6.85 19.63
C TYR C 96 -29.92 8.06 18.72
N TYR C 97 -28.96 8.96 18.90
CA TYR C 97 -28.84 10.17 18.10
C TYR C 97 -27.58 10.10 17.25
N CYS C 98 -27.69 10.59 16.03
CA CYS C 98 -26.52 10.86 15.20
C CYS C 98 -26.10 12.30 15.36
N ALA C 99 -24.84 12.59 15.05
CA ALA C 99 -24.31 13.92 15.23
C ALA C 99 -23.17 14.14 14.26
N ILE C 100 -23.04 15.38 13.81
CA ILE C 100 -22.00 15.76 12.86
C ILE C 100 -21.32 17.00 13.41
N ASP C 101 -20.02 16.91 13.69
CA ASP C 101 -19.29 18.01 14.27
C ASP C 101 -18.73 18.91 13.17
N SER C 102 -18.89 20.21 13.34
CA SER C 102 -18.47 21.21 12.36
C SER C 102 -16.96 21.41 12.31
N ASP C 103 -16.16 20.58 12.99
CA ASP C 103 -14.72 20.76 13.02
C ASP C 103 -14.05 19.66 12.19
N THR C 104 -13.28 20.06 11.18
CA THR C 104 -12.53 19.11 10.37
C THR C 104 -11.34 18.53 11.09
N PHE C 105 -10.98 19.07 12.26
CA PHE C 105 -9.91 18.54 13.08
C PHE C 105 -10.43 17.64 14.20
N TYR C 106 -11.72 17.30 14.17
CA TYR C 106 -12.31 16.34 15.10
C TYR C 106 -12.31 16.85 16.54
N SER C 107 -12.62 18.14 16.71
CA SER C 107 -12.65 18.73 18.04
C SER C 107 -13.94 18.44 18.79
N GLY C 108 -14.93 17.82 18.14
CA GLY C 108 -16.17 17.49 18.81
C GLY C 108 -17.08 18.67 19.04
N SER C 109 -17.38 19.41 17.97
CA SER C 109 -18.27 20.56 18.02
C SER C 109 -19.58 20.17 17.36
N TYR C 110 -20.47 19.56 18.15
CA TYR C 110 -21.71 19.01 17.63
C TYR C 110 -22.80 20.09 17.63
N ASP C 111 -23.39 20.33 16.46
CA ASP C 111 -24.42 21.34 16.31
C ASP C 111 -25.71 20.83 15.71
N TYR C 112 -25.66 19.82 14.84
CA TYR C 112 -26.86 19.21 14.25
C TYR C 112 -26.98 17.78 14.77
N TRP C 113 -28.11 17.46 15.39
CA TRP C 113 -28.31 16.18 16.05
C TRP C 113 -29.40 15.34 15.41
N GLY C 114 -30.63 15.82 15.35
CA GLY C 114 -31.74 15.01 14.93
C GLY C 114 -32.51 14.44 16.10
N GLN C 115 -33.68 13.85 15.78
CA GLN C 115 -34.61 13.42 16.81
C GLN C 115 -34.19 12.11 17.48
N GLY C 116 -33.45 11.26 16.79
CA GLY C 116 -33.04 9.98 17.35
C GLY C 116 -34.06 8.88 17.10
N THR C 117 -33.61 7.64 17.28
CA THR C 117 -34.44 6.46 17.11
C THR C 117 -34.40 5.64 18.40
N GLN C 118 -35.57 5.20 18.86
CA GLN C 118 -35.64 4.46 20.12
C GLN C 118 -35.35 2.98 19.84
N VAL C 119 -34.35 2.44 20.53
CA VAL C 119 -33.98 1.03 20.46
C VAL C 119 -34.30 0.42 21.81
N THR C 120 -35.29 -0.47 21.84
CA THR C 120 -35.71 -1.15 23.06
C THR C 120 -35.31 -2.61 22.96
N VAL C 121 -34.70 -3.12 24.03
CA VAL C 121 -34.29 -4.52 24.11
C VAL C 121 -35.05 -5.14 25.27
N SER C 122 -36.20 -5.74 24.96
CA SER C 122 -37.07 -6.38 25.96
C SER C 122 -37.42 -5.43 27.10
N ASP D 2 12.81 21.59 -2.84
CA ASP D 2 11.84 21.94 -3.87
C ASP D 2 10.91 20.78 -4.16
N ILE D 3 11.42 19.55 -4.04
CA ILE D 3 10.62 18.35 -4.23
C ILE D 3 9.81 18.15 -2.95
N GLN D 4 8.56 18.61 -2.96
CA GLN D 4 7.70 18.47 -1.79
C GLN D 4 7.38 17.00 -1.55
N MET D 5 7.45 16.60 -0.29
CA MET D 5 7.21 15.22 0.13
C MET D 5 6.10 15.23 1.17
N THR D 6 4.87 14.91 0.74
CA THR D 6 3.70 15.00 1.58
C THR D 6 3.37 13.64 2.17
N GLN D 7 3.34 13.56 3.49
CA GLN D 7 3.06 12.33 4.22
C GLN D 7 1.72 12.51 4.91
N SER D 8 0.64 12.23 4.19
CA SER D 8 -0.70 12.59 4.65
C SER D 8 -1.15 11.90 5.95
N PRO D 9 -1.00 10.59 6.15
CA PRO D 9 -1.63 9.95 7.33
C PRO D 9 -0.89 10.26 8.63
N SER D 10 -0.83 11.54 8.99
CA SER D 10 -0.09 11.95 10.17
C SER D 10 -0.62 11.29 11.44
N SER D 11 -1.95 11.25 11.59
CA SER D 11 -2.56 10.59 12.73
C SER D 11 -2.81 9.11 12.39
N LEU D 12 -2.28 8.21 13.22
CA LEU D 12 -2.48 6.77 13.02
C LEU D 12 -2.70 6.14 14.40
N SER D 13 -3.97 5.92 14.73
CA SER D 13 -4.33 5.20 15.94
C SER D 13 -4.52 3.74 15.58
N ALA D 14 -3.70 2.86 16.17
CA ALA D 14 -3.74 1.44 15.83
C ALA D 14 -3.36 0.63 17.04
N SER D 15 -3.78 -0.63 17.05
CA SER D 15 -3.52 -1.55 18.14
C SER D 15 -2.47 -2.58 17.72
N VAL D 16 -2.05 -3.38 18.70
CA VAL D 16 -1.05 -4.41 18.44
C VAL D 16 -1.63 -5.47 17.52
N GLY D 17 -0.84 -5.88 16.53
CA GLY D 17 -1.27 -6.86 15.55
C GLY D 17 -1.91 -6.26 14.31
N ASP D 18 -2.14 -4.96 14.29
CA ASP D 18 -2.77 -4.33 13.14
C ASP D 18 -1.78 -4.18 11.99
N ARG D 19 -2.32 -3.95 10.80
CA ARG D 19 -1.54 -3.75 9.58
C ARG D 19 -1.70 -2.29 9.18
N VAL D 20 -0.73 -1.46 9.55
CA VAL D 20 -0.82 -0.03 9.32
C VAL D 20 -0.14 0.31 8.01
N THR D 21 -0.64 1.37 7.36
CA THR D 21 -0.15 1.79 6.05
C THR D 21 0.04 3.30 6.06
N ILE D 22 1.21 3.75 5.60
CA ILE D 22 1.56 5.16 5.54
C ILE D 22 1.90 5.48 4.09
N THR D 23 1.19 6.44 3.51
CA THR D 23 1.44 6.84 2.14
C THR D 23 2.26 8.13 2.09
N CYS D 24 2.97 8.31 0.98
CA CYS D 24 3.85 9.45 0.80
C CYS D 24 3.83 9.84 -0.67
N ARG D 25 3.62 11.13 -0.94
CA ARG D 25 3.45 11.63 -2.29
C ARG D 25 4.57 12.62 -2.60
N ALA D 26 5.24 12.41 -3.72
CA ALA D 26 6.33 13.27 -4.16
C ALA D 26 5.86 14.19 -5.27
N SER D 27 6.34 15.44 -5.24
CA SER D 27 5.93 16.41 -6.25
C SER D 27 6.45 16.02 -7.63
N GLN D 28 7.73 15.68 -7.72
CA GLN D 28 8.34 15.29 -8.98
C GLN D 28 8.44 13.78 -9.08
N SER D 29 8.69 13.30 -10.30
CA SER D 29 8.73 11.87 -10.59
C SER D 29 10.14 11.34 -10.34
N VAL D 30 10.54 11.36 -9.06
CA VAL D 30 11.79 10.73 -8.69
C VAL D 30 11.67 9.21 -8.85
N SER D 31 12.82 8.55 -8.93
CA SER D 31 12.85 7.11 -9.07
C SER D 31 12.57 6.47 -7.72
N SER D 32 12.80 5.17 -7.60
CA SER D 32 12.62 4.50 -6.32
C SER D 32 13.77 4.89 -5.39
N ALA D 33 13.85 6.18 -5.06
CA ALA D 33 14.95 6.71 -4.26
C ALA D 33 14.40 7.37 -3.01
N VAL D 34 13.48 6.71 -2.32
CA VAL D 34 12.92 7.24 -1.08
C VAL D 34 13.22 6.25 0.04
N ALA D 35 13.35 6.79 1.24
CA ALA D 35 13.65 6.02 2.42
C ALA D 35 12.63 6.31 3.51
N TRP D 36 12.40 5.30 4.35
CA TRP D 36 11.52 5.40 5.49
C TRP D 36 12.34 5.22 6.75
N TYR D 37 12.21 6.17 7.68
CA TYR D 37 12.93 6.17 8.95
C TYR D 37 11.94 6.12 10.11
N GLN D 38 12.37 5.48 11.19
CA GLN D 38 11.59 5.44 12.43
C GLN D 38 12.37 6.18 13.51
N GLN D 39 11.68 7.07 14.21
CA GLN D 39 12.27 7.83 15.30
C GLN D 39 11.38 7.72 16.52
N LYS D 40 11.92 7.13 17.58
CA LYS D 40 11.25 7.16 18.88
C LYS D 40 11.64 8.44 19.62
N PRO D 41 10.77 8.95 20.49
CA PRO D 41 11.03 10.24 21.13
C PRO D 41 12.32 10.22 21.93
N GLY D 42 13.13 11.26 21.77
CA GLY D 42 14.39 11.39 22.45
C GLY D 42 15.57 10.72 21.79
N LYS D 43 15.35 10.04 20.66
CA LYS D 43 16.41 9.30 19.99
C LYS D 43 16.54 9.75 18.54
N ALA D 44 17.59 9.26 17.88
CA ALA D 44 17.86 9.58 16.49
C ALA D 44 17.03 8.70 15.57
N PRO D 45 16.77 9.17 14.34
CA PRO D 45 16.05 8.32 13.39
C PRO D 45 16.85 7.08 13.02
N LYS D 46 16.12 6.00 12.73
CA LYS D 46 16.71 4.73 12.33
C LYS D 46 16.22 4.39 10.93
N LEU D 47 17.14 4.01 10.05
CA LEU D 47 16.76 3.62 8.70
C LEU D 47 15.94 2.34 8.74
N LEU D 48 14.74 2.39 8.18
CA LEU D 48 13.87 1.22 8.05
C LEU D 48 13.85 0.69 6.63
N ILE D 49 13.55 1.54 5.66
CA ILE D 49 13.44 1.14 4.26
C ILE D 49 14.29 2.08 3.42
N TYR D 50 15.04 1.51 2.47
CA TYR D 50 15.73 2.30 1.47
C TYR D 50 15.38 1.77 0.09
N SER D 51 15.53 2.64 -0.92
CA SER D 51 15.20 2.35 -2.31
C SER D 51 13.72 2.06 -2.52
N ALA D 52 12.88 2.47 -1.57
CA ALA D 52 11.43 2.44 -1.64
C ALA D 52 10.85 1.03 -1.55
N SER D 53 11.70 0.01 -1.63
CA SER D 53 11.24 -1.37 -1.47
C SER D 53 12.16 -2.24 -0.64
N SER D 54 13.44 -1.91 -0.51
CA SER D 54 14.43 -2.81 0.07
C SER D 54 14.48 -2.64 1.59
N LEU D 55 14.38 -3.76 2.29
CA LEU D 55 14.44 -3.74 3.74
C LEU D 55 15.87 -3.59 4.22
N TYR D 56 16.11 -2.63 5.11
CA TYR D 56 17.43 -2.43 5.66
C TYR D 56 17.83 -3.62 6.54
N SER D 57 19.14 -3.85 6.65
CA SER D 57 19.63 -5.00 7.39
C SER D 57 19.39 -4.82 8.89
N GLY D 58 18.84 -5.85 9.52
CA GLY D 58 18.65 -5.88 10.95
C GLY D 58 17.28 -5.45 11.42
N VAL D 59 16.52 -4.72 10.60
CA VAL D 59 15.21 -4.25 11.01
C VAL D 59 14.21 -5.38 10.81
N PRO D 60 13.11 -5.41 11.57
CA PRO D 60 12.14 -6.50 11.43
C PRO D 60 11.51 -6.53 10.05
N SER D 61 11.16 -7.75 9.62
CA SER D 61 10.61 -7.97 8.29
C SER D 61 9.15 -7.55 8.16
N ARG D 62 8.51 -7.16 9.26
CA ARG D 62 7.13 -6.69 9.17
C ARG D 62 7.02 -5.40 8.37
N PHE D 63 8.03 -4.54 8.46
CA PHE D 63 8.05 -3.33 7.63
C PHE D 63 8.29 -3.70 6.17
N SER D 64 7.57 -3.05 5.28
CA SER D 64 7.71 -3.31 3.85
C SER D 64 7.25 -2.08 3.08
N GLY D 65 8.09 -1.59 2.18
CA GLY D 65 7.72 -0.46 1.37
C GLY D 65 7.52 -0.83 -0.09
N SER D 66 6.75 -0.01 -0.81
CA SER D 66 6.55 -0.24 -2.23
C SER D 66 6.28 1.10 -2.90
N ARG D 67 6.37 1.09 -4.23
CA ARG D 67 6.30 2.29 -5.06
C ARG D 67 5.34 2.07 -6.22
N SER D 68 4.50 3.07 -6.48
CA SER D 68 3.63 3.08 -7.65
C SER D 68 3.50 4.53 -8.12
N GLY D 69 4.02 4.80 -9.32
CA GLY D 69 4.09 6.18 -9.76
C GLY D 69 5.00 6.96 -8.82
N THR D 70 4.49 8.10 -8.35
CA THR D 70 5.17 8.88 -7.31
C THR D 70 4.54 8.68 -5.94
N ASP D 71 3.89 7.55 -5.73
CA ASP D 71 3.24 7.21 -4.46
C ASP D 71 4.02 6.09 -3.80
N PHE D 72 4.62 6.37 -2.65
CA PHE D 72 5.44 5.42 -1.92
C PHE D 72 4.74 5.07 -0.62
N THR D 73 4.51 3.79 -0.39
CA THR D 73 3.75 3.36 0.78
C THR D 73 4.58 2.43 1.64
N LEU D 74 4.61 2.72 2.94
CA LEU D 74 5.16 1.86 3.97
C LEU D 74 4.03 1.08 4.63
N THR D 75 4.33 -0.16 5.00
CA THR D 75 3.34 -1.02 5.63
C THR D 75 3.98 -1.81 6.77
N ILE D 76 3.25 -1.91 7.88
CA ILE D 76 3.60 -2.80 8.98
C ILE D 76 2.50 -3.83 9.07
N SER D 77 2.83 -5.10 8.78
CA SER D 77 1.82 -6.14 8.72
C SER D 77 1.29 -6.46 10.11
N SER D 78 2.17 -6.61 11.08
CA SER D 78 1.79 -6.87 12.47
C SER D 78 2.44 -5.80 13.33
N LEU D 79 1.62 -4.88 13.85
CA LEU D 79 2.12 -3.76 14.63
C LEU D 79 2.54 -4.26 16.01
N GLN D 80 3.83 -4.54 16.17
CA GLN D 80 4.36 -4.93 17.46
C GLN D 80 4.34 -3.74 18.42
N PRO D 81 4.36 -4.00 19.73
CA PRO D 81 4.28 -2.89 20.69
C PRO D 81 5.43 -1.91 20.61
N GLU D 82 6.57 -2.29 20.05
CA GLU D 82 7.70 -1.38 19.89
C GLU D 82 7.70 -0.66 18.54
N ASP D 83 6.63 -0.79 17.77
CA ASP D 83 6.51 -0.11 16.48
C ASP D 83 5.83 1.24 16.60
N PHE D 84 5.52 1.69 17.81
CA PHE D 84 4.87 2.99 18.01
C PHE D 84 5.95 4.06 18.09
N ALA D 85 6.09 4.81 17.01
CA ALA D 85 7.09 5.87 16.91
C ALA D 85 6.63 6.83 15.84
N THR D 86 7.50 7.77 15.45
CA THR D 86 7.22 8.70 14.38
C THR D 86 7.98 8.26 13.14
N TYR D 87 7.26 8.08 12.03
CA TYR D 87 7.84 7.59 10.80
C TYR D 87 7.97 8.72 9.79
N TYR D 88 9.16 8.83 9.19
CA TYR D 88 9.48 9.91 8.28
C TYR D 88 9.79 9.36 6.90
N CYS D 89 9.30 10.06 5.89
CA CYS D 89 9.46 9.70 4.48
C CYS D 89 10.40 10.71 3.84
N GLN D 90 11.61 10.26 3.50
CA GLN D 90 12.62 11.12 2.90
C GLN D 90 12.79 10.72 1.43
N GLN D 91 13.06 11.70 0.58
CA GLN D 91 13.50 11.44 -0.79
C GLN D 91 14.95 11.83 -0.91
N TYR D 92 15.75 10.92 -1.47
CA TYR D 92 17.18 11.17 -1.67
C TYR D 92 17.47 10.99 -3.16
N LEU D 93 17.27 12.06 -3.93
CA LEU D 93 17.60 12.03 -5.34
C LEU D 93 19.00 12.58 -5.60
N TYR D 94 19.36 13.66 -4.92
CA TYR D 94 20.71 14.21 -4.98
C TYR D 94 21.12 14.60 -3.57
N TYR D 95 22.43 14.83 -3.41
CA TYR D 95 22.99 15.16 -2.11
C TYR D 95 22.38 16.45 -1.56
N SER D 96 22.21 17.46 -2.40
CA SER D 96 21.70 18.75 -1.97
C SER D 96 20.19 18.86 -2.08
N LEU D 97 19.51 17.82 -2.56
CA LEU D 97 18.06 17.79 -2.67
C LEU D 97 17.52 16.67 -1.77
N VAL D 98 17.34 16.99 -0.49
CA VAL D 98 16.75 16.07 0.47
C VAL D 98 15.57 16.77 1.13
N THR D 99 14.40 16.14 1.06
CA THR D 99 13.19 16.66 1.71
C THR D 99 12.51 15.50 2.43
N PHE D 100 12.49 15.57 3.76
CA PHE D 100 11.78 14.58 4.55
C PHE D 100 10.27 14.84 4.48
N GLY D 101 9.50 13.84 4.92
CA GLY D 101 8.08 14.02 5.09
C GLY D 101 7.74 14.72 6.39
N GLN D 102 6.46 15.00 6.57
CA GLN D 102 6.00 15.70 7.76
C GLN D 102 5.96 14.80 8.99
N GLY D 103 6.05 13.49 8.82
CA GLY D 103 6.08 12.58 9.94
C GLY D 103 4.69 12.11 10.37
N THR D 104 4.58 10.83 10.71
CA THR D 104 3.34 10.25 11.20
C THR D 104 3.59 9.61 12.55
N LYS D 105 2.81 10.00 13.55
CA LYS D 105 2.91 9.45 14.90
C LYS D 105 1.91 8.32 15.04
N VAL D 106 2.42 7.09 15.09
CA VAL D 106 1.58 5.92 15.31
C VAL D 106 1.34 5.78 16.81
N GLU D 107 0.08 5.89 17.23
CA GLU D 107 -0.29 5.81 18.62
C GLU D 107 -1.13 4.55 18.87
N ILE D 108 -1.38 4.29 20.15
CA ILE D 108 -2.08 3.08 20.56
C ILE D 108 -3.58 3.32 20.50
N LYS D 109 -4.28 2.50 19.73
CA LYS D 109 -5.74 2.59 19.66
C LYS D 109 -6.35 2.29 21.03
N ARG D 110 -7.41 3.02 21.35
CA ARG D 110 -8.03 2.93 22.66
C ARG D 110 -9.48 3.39 22.54
N THR D 111 -10.28 3.02 23.52
CA THR D 111 -11.66 3.48 23.55
C THR D 111 -11.72 4.95 23.93
N VAL D 112 -12.80 5.61 23.49
CA VAL D 112 -12.93 7.05 23.70
C VAL D 112 -13.22 7.33 25.16
N ALA D 113 -12.48 8.28 25.72
CA ALA D 113 -12.70 8.76 27.08
C ALA D 113 -12.84 10.27 27.05
N ALA D 114 -13.90 10.80 27.64
CA ALA D 114 -14.06 12.24 27.73
C ALA D 114 -13.17 12.80 28.83
N PRO D 115 -12.57 13.97 28.62
CA PRO D 115 -11.68 14.53 29.65
C PRO D 115 -12.45 14.95 30.89
N SER D 116 -11.79 14.83 32.03
CA SER D 116 -12.29 15.41 33.26
C SER D 116 -11.67 16.79 33.41
N VAL D 117 -12.51 17.82 33.53
CA VAL D 117 -12.08 19.19 33.39
C VAL D 117 -12.04 19.84 34.76
N PHE D 118 -10.88 20.40 35.11
CA PHE D 118 -10.68 21.14 36.35
C PHE D 118 -10.21 22.55 36.02
N ILE D 119 -10.50 23.49 36.90
CA ILE D 119 -10.03 24.86 36.76
C ILE D 119 -9.34 25.29 38.04
N PHE D 120 -8.25 26.03 37.91
CA PHE D 120 -7.49 26.53 39.04
C PHE D 120 -7.31 28.04 38.86
N PRO D 121 -7.82 28.85 39.77
CA PRO D 121 -7.55 30.28 39.75
C PRO D 121 -6.12 30.56 40.18
N PRO D 122 -5.59 31.75 39.86
CA PRO D 122 -4.23 32.07 40.29
C PRO D 122 -4.15 32.20 41.80
N SER D 123 -2.99 31.82 42.34
CA SER D 123 -2.74 31.99 43.76
C SER D 123 -2.49 33.46 44.08
N ASP D 124 -2.82 33.84 45.32
CA ASP D 124 -2.53 35.21 45.76
C ASP D 124 -1.04 35.49 45.78
N SER D 125 -0.22 34.45 46.00
CA SER D 125 1.23 34.62 45.93
C SER D 125 1.67 35.04 44.53
N GLN D 126 1.05 34.45 43.50
CA GLN D 126 1.33 34.91 42.14
C GLN D 126 0.79 36.31 41.89
N LEU D 127 -0.35 36.64 42.50
CA LEU D 127 -0.89 37.98 42.36
C LEU D 127 0.04 39.03 42.96
N LYS D 128 0.78 38.66 44.01
CA LYS D 128 1.76 39.59 44.56
C LYS D 128 2.85 39.95 43.55
N SER D 129 3.06 39.12 42.53
CA SER D 129 4.07 39.38 41.51
C SER D 129 3.54 40.19 40.34
N GLY D 130 2.24 40.54 40.33
CA GLY D 130 1.68 41.34 39.27
C GLY D 130 1.13 40.56 38.10
N THR D 131 1.20 39.23 38.12
CA THR D 131 0.67 38.40 37.05
C THR D 131 -0.29 37.36 37.63
N ALA D 132 -1.30 37.01 36.85
CA ALA D 132 -2.30 36.03 37.23
C ALA D 132 -2.47 35.03 36.09
N SER D 133 -2.24 33.76 36.38
CA SER D 133 -2.37 32.70 35.39
C SER D 133 -3.42 31.71 35.88
N VAL D 134 -4.53 31.63 35.15
CA VAL D 134 -5.55 30.62 35.41
C VAL D 134 -5.20 29.39 34.59
N VAL D 135 -5.47 28.20 35.12
CA VAL D 135 -5.09 26.97 34.42
C VAL D 135 -6.26 25.99 34.40
N CYS D 136 -6.61 25.53 33.22
CA CYS D 136 -7.64 24.52 33.03
C CYS D 136 -6.98 23.20 32.63
N LEU D 137 -7.32 22.14 33.35
CA LEU D 137 -6.72 20.83 33.16
C LEU D 137 -7.75 19.86 32.60
N LEU D 138 -7.39 19.18 31.52
CA LEU D 138 -8.17 18.09 30.95
C LEU D 138 -7.46 16.80 31.29
N ASN D 139 -8.15 15.90 31.98
CA ASN D 139 -7.53 14.70 32.53
C ASN D 139 -8.09 13.47 31.84
N ASN D 140 -7.19 12.64 31.29
CA ASN D 140 -7.50 11.28 30.83
C ASN D 140 -8.58 11.27 29.75
N PHE D 141 -8.23 11.87 28.61
CA PHE D 141 -9.03 11.79 27.40
C PHE D 141 -8.17 11.16 26.31
N TYR D 142 -8.67 10.09 25.68
CA TYR D 142 -7.84 9.37 24.74
C TYR D 142 -7.61 10.14 23.44
N PRO D 143 -8.64 10.46 22.64
CA PRO D 143 -8.35 11.13 21.36
C PRO D 143 -7.83 12.53 21.58
N ARG D 144 -6.56 12.77 21.22
CA ARG D 144 -5.93 14.06 21.45
C ARG D 144 -6.47 15.08 20.46
N GLU D 145 -7.77 15.40 20.59
CA GLU D 145 -8.39 16.37 19.69
C GLU D 145 -9.29 17.35 20.42
N ALA D 146 -9.24 17.40 21.75
CA ALA D 146 -10.10 18.31 22.50
C ALA D 146 -9.69 19.76 22.26
N LYS D 147 -10.65 20.66 22.41
CA LYS D 147 -10.40 22.08 22.26
C LYS D 147 -10.88 22.83 23.49
N VAL D 148 -10.02 23.67 24.05
CA VAL D 148 -10.31 24.46 25.23
C VAL D 148 -10.45 25.91 24.81
N GLN D 149 -11.49 26.59 25.30
CA GLN D 149 -11.74 27.99 25.01
C GLN D 149 -11.96 28.72 26.31
N TRP D 150 -11.23 29.82 26.50
CA TRP D 150 -11.34 30.62 27.71
C TRP D 150 -12.34 31.75 27.49
N LYS D 151 -13.34 31.82 28.37
CA LYS D 151 -14.34 32.88 28.34
C LYS D 151 -14.22 33.72 29.60
N VAL D 152 -14.05 35.02 29.43
CA VAL D 152 -13.94 35.96 30.54
C VAL D 152 -15.09 36.94 30.38
N ASP D 153 -16.12 36.80 31.22
CA ASP D 153 -17.38 37.52 31.07
C ASP D 153 -17.96 37.30 29.67
N ASN D 154 -18.03 36.03 29.27
CA ASN D 154 -18.58 35.62 27.98
C ASN D 154 -17.82 36.23 26.81
N ALA D 155 -16.53 36.47 26.99
CA ALA D 155 -15.66 37.00 25.94
C ALA D 155 -14.52 36.02 25.70
N LEU D 156 -14.36 35.62 24.43
CA LEU D 156 -13.34 34.66 24.05
C LEU D 156 -12.06 35.38 23.64
N GLN D 157 -10.95 35.02 24.27
CA GLN D 157 -9.66 35.64 24.00
C GLN D 157 -8.81 34.75 23.12
N SER D 158 -7.84 35.37 22.44
CA SER D 158 -6.85 34.67 21.64
C SER D 158 -5.49 35.30 21.87
N GLY D 159 -4.45 34.49 21.69
CA GLY D 159 -3.09 34.97 21.81
C GLY D 159 -2.54 35.06 23.22
N ASN D 160 -3.34 34.73 24.23
CA ASN D 160 -2.89 34.77 25.62
C ASN D 160 -3.04 33.43 26.32
N SER D 161 -3.49 32.40 25.64
CA SER D 161 -3.65 31.06 26.21
C SER D 161 -2.66 30.11 25.55
N GLN D 162 -1.89 29.40 26.36
CA GLN D 162 -0.89 28.46 25.88
C GLN D 162 -1.14 27.11 26.54
N GLU D 163 -1.15 26.04 25.73
CA GLU D 163 -1.51 24.73 26.24
C GLU D 163 -0.44 23.70 25.87
N SER D 164 -0.32 22.70 26.73
CA SER D 164 0.61 21.60 26.54
C SER D 164 -0.07 20.29 26.87
N VAL D 165 0.16 19.27 26.06
CA VAL D 165 -0.45 17.96 26.22
C VAL D 165 0.66 16.93 26.44
N THR D 166 0.45 16.04 27.40
CA THR D 166 1.40 14.98 27.66
C THR D 166 1.39 13.95 26.54
N GLU D 167 2.42 13.13 26.51
CA GLU D 167 2.43 11.97 25.65
C GLU D 167 1.41 10.95 26.13
N GLN D 168 1.12 9.97 25.27
CA GLN D 168 0.17 8.93 25.64
C GLN D 168 0.66 8.19 26.87
N ASP D 169 -0.24 7.99 27.83
CA ASP D 169 0.12 7.37 29.09
C ASP D 169 0.51 5.91 28.88
N SER D 170 1.45 5.44 29.71
CA SER D 170 1.90 4.06 29.60
C SER D 170 0.88 3.09 30.17
N LYS D 171 0.08 3.51 31.14
CA LYS D 171 -0.85 2.60 31.80
C LYS D 171 -2.13 2.43 30.99
N ASP D 172 -2.86 3.51 30.77
CA ASP D 172 -4.17 3.46 30.14
C ASP D 172 -4.22 4.09 28.75
N SER D 173 -3.06 4.52 28.22
CA SER D 173 -2.96 5.03 26.85
C SER D 173 -3.91 6.18 26.59
N THR D 174 -3.92 7.14 27.52
CA THR D 174 -4.79 8.30 27.41
C THR D 174 -3.97 9.57 27.62
N TYR D 175 -4.43 10.65 27.00
CA TYR D 175 -3.73 11.93 27.02
C TYR D 175 -4.27 12.84 28.11
N SER D 176 -3.43 13.80 28.50
CA SER D 176 -3.78 14.81 29.49
C SER D 176 -3.26 16.15 29.00
N LEU D 177 -4.07 17.19 29.16
CA LEU D 177 -3.79 18.50 28.59
C LEU D 177 -3.91 19.56 29.67
N SER D 178 -3.14 20.64 29.53
CA SER D 178 -3.18 21.75 30.46
C SER D 178 -3.09 23.04 29.67
N SER D 179 -4.08 23.91 29.82
CA SER D 179 -4.13 25.19 29.14
C SER D 179 -4.03 26.31 30.18
N THR D 180 -3.04 27.18 30.03
CA THR D 180 -2.82 28.29 30.94
C THR D 180 -3.13 29.59 30.24
N LEU D 181 -4.00 30.40 30.84
CA LEU D 181 -4.32 31.74 30.37
C LEU D 181 -3.67 32.73 31.32
N THR D 182 -2.72 33.51 30.79
CA THR D 182 -1.94 34.44 31.59
C THR D 182 -2.41 35.87 31.32
N LEU D 183 -2.51 36.66 32.39
CA LEU D 183 -2.95 38.05 32.31
C LEU D 183 -2.18 38.85 33.34
N SER D 184 -2.17 40.17 33.16
CA SER D 184 -1.64 41.02 34.20
C SER D 184 -2.66 41.11 35.35
N LYS D 185 -2.16 41.52 36.52
CA LYS D 185 -3.07 41.69 37.65
C LYS D 185 -4.10 42.78 37.37
N ALA D 186 -3.67 43.88 36.75
CA ALA D 186 -4.61 44.95 36.39
C ALA D 186 -5.66 44.43 35.42
N ASP D 187 -5.26 43.65 34.43
CA ASP D 187 -6.20 43.05 33.49
C ASP D 187 -6.97 41.89 34.10
N TYR D 188 -6.54 41.38 35.25
CA TYR D 188 -7.24 40.28 35.92
C TYR D 188 -8.32 40.80 36.86
N GLU D 189 -8.06 41.89 37.58
CA GLU D 189 -9.05 42.44 38.50
C GLU D 189 -10.21 43.11 37.79
N LYS D 190 -10.09 43.39 36.49
CA LYS D 190 -11.19 44.01 35.76
C LYS D 190 -12.42 43.12 35.73
N HIS D 191 -12.22 41.82 35.54
CA HIS D 191 -13.31 40.89 35.33
C HIS D 191 -13.41 39.93 36.52
N LYS D 192 -14.61 39.39 36.74
CA LYS D 192 -14.86 38.55 37.90
C LYS D 192 -15.06 37.08 37.56
N VAL D 193 -15.63 36.74 36.41
CA VAL D 193 -15.96 35.36 36.06
C VAL D 193 -14.97 34.88 35.00
N TYR D 194 -14.28 33.79 35.30
CA TYR D 194 -13.35 33.16 34.37
C TYR D 194 -13.78 31.71 34.16
N ALA D 195 -13.92 31.29 32.91
CA ALA D 195 -14.41 29.96 32.61
C ALA D 195 -13.56 29.33 31.52
N CYS D 196 -13.35 28.02 31.63
CA CYS D 196 -12.77 27.24 30.55
C CYS D 196 -13.83 26.26 30.06
N GLU D 197 -14.09 26.30 28.75
CA GLU D 197 -15.09 25.47 28.10
C GLU D 197 -14.39 24.48 27.18
N VAL D 198 -14.72 23.20 27.32
CA VAL D 198 -14.00 22.13 26.64
C VAL D 198 -14.95 21.40 25.71
N THR D 199 -14.51 21.21 24.47
CA THR D 199 -15.21 20.39 23.49
C THR D 199 -14.36 19.16 23.19
N HIS D 200 -14.95 17.99 23.31
CA HIS D 200 -14.29 16.73 23.01
C HIS D 200 -15.21 15.89 22.13
N GLN D 201 -14.60 15.05 21.29
CA GLN D 201 -15.38 14.17 20.43
C GLN D 201 -16.17 13.14 21.23
N GLY D 202 -15.75 12.84 22.45
CA GLY D 202 -16.50 12.00 23.35
C GLY D 202 -17.46 12.73 24.25
N LEU D 203 -17.66 14.03 24.02
CA LEU D 203 -18.52 14.87 24.84
C LEU D 203 -19.71 15.34 24.01
N SER D 204 -20.92 15.13 24.52
CA SER D 204 -22.11 15.59 23.82
C SER D 204 -22.19 17.10 23.81
N SER D 205 -21.97 17.72 24.97
CA SER D 205 -21.98 19.16 25.12
C SER D 205 -20.69 19.59 25.79
N PRO D 206 -20.23 20.83 25.53
CA PRO D 206 -18.98 21.29 26.14
C PRO D 206 -19.09 21.33 27.65
N VAL D 207 -17.99 20.98 28.31
CA VAL D 207 -17.89 21.04 29.77
C VAL D 207 -17.29 22.38 30.14
N THR D 208 -18.03 23.17 30.91
CA THR D 208 -17.61 24.53 31.28
C THR D 208 -17.37 24.56 32.78
N LYS D 209 -16.12 24.80 33.17
CA LYS D 209 -15.77 25.00 34.57
C LYS D 209 -15.38 26.45 34.78
N SER D 210 -15.99 27.08 35.77
CA SER D 210 -15.84 28.52 35.96
C SER D 210 -15.60 28.83 37.42
N PHE D 211 -14.98 29.98 37.66
CA PHE D 211 -14.83 30.52 39.01
C PHE D 211 -15.04 32.02 38.98
N ASN D 212 -15.56 32.54 40.08
CA ASN D 212 -15.83 33.96 40.23
C ASN D 212 -14.73 34.60 41.07
N ARG D 213 -14.23 35.75 40.62
CA ARG D 213 -13.19 36.47 41.34
C ARG D 213 -13.79 37.63 42.11
#